data_6Q62
#
_entry.id   6Q62
#
_cell.length_a   82.382
_cell.length_b   74.553
_cell.length_c   89.299
_cell.angle_alpha   90.00
_cell.angle_beta   101.21
_cell.angle_gamma   90.00
#
_symmetry.space_group_name_H-M   'P 1 21 1'
#
loop_
_entity.id
_entity.type
_entity.pdbx_description
1 polymer 'Dihydropteroate synthase'
2 non-polymer 6-chloroguanine
3 non-polymer 1,2-ETHANEDIOL
4 non-polymer '1H-indole-2-carboxylic acid'
5 non-polymer 'SULFATE ION'
6 non-polymer DI(HYDROXYETHYL)ETHER
7 water water
#
_entity_poly.entity_id   1
_entity_poly.type   'polypeptide(L)'
_entity_poly.pdbx_seq_one_letter_code
;MFDTSPRLDCAGRILTLDRPRVMGIVNVTPDSFSDGGTHTTVEAAVAHGLRLAEEGADLLDIGGESTRPGATAVPVEEEL
RRVIPVIERLVAQTALPLSVDTFKPEVMRAAVAAGAGMINDVQALRQPGALDAVADLRVPVVLMHMPGDAYAAGSAPHYD
DVVAEVHRFLVERIFAAEMAGIDKRRLLIDPGFGFGKSTADNVQLLAHLPRLCELGVPVLAGLSRKRSIGELTGRELPEQ
RVAGSVAAHLLAAQRGALLLRVHDVAATVDALTVWQAVQAVPSPRVATGTAMPIRWPDED
;
_entity_poly.pdbx_strand_id   A,C,B,D
#
loop_
_chem_comp.id
_chem_comp.type
_chem_comp.name
_chem_comp.formula
6GU non-polymer 6-chloroguanine 'C5 H4 Cl N5'
EDO non-polymer 1,2-ETHANEDIOL 'C2 H6 O2'
ICB non-polymer '1H-indole-2-carboxylic acid' 'C9 H7 N O2'
PEG non-polymer DI(HYDROXYETHYL)ETHER 'C4 H10 O3'
SO4 non-polymer 'SULFATE ION' 'O4 S -2'
#
# COMPACT_ATOMS: atom_id res chain seq x y z
N SER A 5 -29.30 -5.57 24.72
CA SER A 5 -28.25 -5.59 23.70
C SER A 5 -27.36 -6.83 23.80
N PRO A 6 -26.99 -7.48 22.67
CA PRO A 6 -26.10 -8.66 22.75
C PRO A 6 -24.78 -8.34 23.46
N ARG A 7 -24.40 -9.23 24.36
CA ARG A 7 -23.20 -9.12 25.17
C ARG A 7 -22.41 -10.40 24.87
N LEU A 8 -21.37 -10.30 24.03
CA LEU A 8 -20.60 -11.48 23.64
C LEU A 8 -19.37 -11.61 24.50
N ASP A 9 -19.26 -12.73 25.21
CA ASP A 9 -18.12 -12.99 26.04
C ASP A 9 -17.09 -13.74 25.17
N CYS A 10 -16.08 -13.01 24.71
CA CYS A 10 -15.03 -13.55 23.85
C CYS A 10 -13.83 -13.96 24.70
N ALA A 11 -13.95 -15.15 25.35
CA ALA A 11 -12.94 -15.72 26.24
C ALA A 11 -12.51 -14.72 27.33
N GLY A 12 -13.50 -14.07 27.93
CA GLY A 12 -13.25 -13.09 28.99
C GLY A 12 -13.22 -11.64 28.55
N ARG A 13 -13.08 -11.40 27.21
CA ARG A 13 -13.08 -10.03 26.65
C ARG A 13 -14.46 -9.79 26.12
N ILE A 14 -15.14 -8.79 26.70
CA ILE A 14 -16.53 -8.52 26.39
C ILE A 14 -16.72 -7.60 25.21
N LEU A 15 -17.52 -8.06 24.24
CA LEU A 15 -17.90 -7.28 23.06
C LEU A 15 -19.38 -6.94 23.25
N THR A 16 -19.70 -5.68 23.51
CA THR A 16 -21.08 -5.24 23.73
C THR A 16 -21.65 -4.66 22.44
N LEU A 17 -22.71 -5.28 21.92
CA LEU A 17 -23.32 -4.84 20.68
C LEU A 17 -24.52 -3.94 20.92
N ASP A 18 -24.29 -2.89 21.73
CA ASP A 18 -25.30 -1.86 22.03
C ASP A 18 -25.33 -0.83 20.86
N ARG A 19 -24.34 -0.92 19.99
CA ARG A 19 -24.19 -0.08 18.79
C ARG A 19 -23.30 -0.87 17.81
N PRO A 20 -23.28 -0.53 16.50
CA PRO A 20 -22.40 -1.27 15.57
C PRO A 20 -20.93 -1.18 15.98
N ARG A 21 -20.25 -2.32 15.97
CA ARG A 21 -18.86 -2.46 16.36
C ARG A 21 -18.00 -2.78 15.14
N VAL A 22 -16.73 -2.43 15.20
CA VAL A 22 -15.81 -2.58 14.09
C VAL A 22 -14.83 -3.69 14.30
N MET A 23 -14.85 -4.64 13.36
CA MET A 23 -13.97 -5.81 13.32
C MET A 23 -12.83 -5.52 12.34
N GLY A 24 -11.63 -5.29 12.83
CA GLY A 24 -10.48 -4.97 11.98
C GLY A 24 -9.86 -6.21 11.36
N ILE A 25 -9.64 -6.19 10.04
CA ILE A 25 -9.08 -7.31 9.28
C ILE A 25 -7.57 -7.41 9.44
N VAL A 26 -7.10 -8.55 9.98
CA VAL A 26 -5.67 -8.81 10.11
C VAL A 26 -5.35 -10.05 9.29
N ASN A 27 -4.89 -9.86 8.04
CA ASN A 27 -4.52 -11.00 7.20
C ASN A 27 -3.07 -11.35 7.42
N VAL A 28 -2.81 -12.62 7.71
CA VAL A 28 -1.44 -13.07 7.96
C VAL A 28 -1.04 -13.86 6.73
N THR A 29 -0.69 -13.17 5.65
CA THR A 29 -0.27 -13.85 4.43
C THR A 29 0.93 -13.06 3.91
N PRO A 30 1.97 -13.73 3.38
CA PRO A 30 3.11 -12.94 2.81
C PRO A 30 2.70 -11.89 1.78
N ASP A 31 1.65 -12.16 0.96
CA ASP A 31 1.15 -11.25 -0.06
C ASP A 31 0.44 -10.00 0.51
N SER A 32 0.11 -10.03 1.82
CA SER A 32 -0.52 -8.89 2.47
C SER A 32 0.46 -7.75 2.75
N PHE A 33 1.80 -8.04 2.71
CA PHE A 33 2.85 -7.06 3.04
C PHE A 33 3.90 -6.91 1.95
N SER A 34 4.58 -5.75 1.89
CA SER A 34 5.64 -5.48 0.90
C SER A 34 6.98 -5.24 1.58
N ASP A 35 7.03 -5.35 2.92
CA ASP A 35 8.22 -5.14 3.73
C ASP A 35 8.93 -6.46 4.15
N GLY A 36 8.62 -7.56 3.45
CA GLY A 36 9.19 -8.86 3.75
C GLY A 36 10.69 -9.01 3.65
N GLY A 37 11.35 -8.09 2.92
CA GLY A 37 12.81 -8.12 2.80
C GLY A 37 13.49 -8.05 4.15
N THR A 38 12.92 -7.31 5.10
CA THR A 38 13.54 -7.19 6.44
C THR A 38 12.55 -7.48 7.57
N HIS A 39 11.34 -7.91 7.26
CA HIS A 39 10.35 -8.21 8.30
C HIS A 39 9.79 -9.61 8.14
N THR A 40 9.30 -10.20 9.24
CA THR A 40 8.60 -11.47 9.11
C THR A 40 7.11 -11.18 8.81
N THR A 41 6.39 -12.18 8.26
CA THR A 41 4.95 -12.05 8.01
C THR A 41 4.23 -11.85 9.36
N VAL A 42 4.61 -12.66 10.37
CA VAL A 42 4.02 -12.57 11.70
C VAL A 42 4.20 -11.16 12.28
N GLU A 43 5.43 -10.61 12.27
CA GLU A 43 5.69 -9.29 12.83
C GLU A 43 4.90 -8.19 12.11
N ALA A 44 4.77 -8.30 10.77
CA ALA A 44 4.00 -7.32 9.99
C ALA A 44 2.49 -7.39 10.34
N ALA A 45 1.95 -8.61 10.54
CA ALA A 45 0.54 -8.79 10.90
C ALA A 45 0.26 -8.28 12.33
N VAL A 46 1.20 -8.51 13.24
CA VAL A 46 1.06 -8.05 14.62
C VAL A 46 1.07 -6.51 14.61
N ALA A 47 2.05 -5.88 13.95
CA ALA A 47 2.10 -4.42 13.86
C ALA A 47 0.82 -3.86 13.24
N HIS A 48 0.28 -4.54 12.20
CA HIS A 48 -0.96 -4.09 11.59
C HIS A 48 -2.16 -4.17 12.57
N GLY A 49 -2.28 -5.28 13.30
CA GLY A 49 -3.34 -5.44 14.30
C GLY A 49 -3.22 -4.38 15.39
N LEU A 50 -1.98 -4.04 15.79
CA LEU A 50 -1.79 -2.98 16.81
C LEU A 50 -2.22 -1.61 16.29
N ARG A 51 -1.97 -1.35 14.99
CA ARG A 51 -2.39 -0.10 14.33
C ARG A 51 -3.92 -0.04 14.28
N LEU A 52 -4.58 -1.17 13.95
CA LEU A 52 -6.05 -1.18 13.92
C LEU A 52 -6.66 -0.98 15.31
N ALA A 53 -6.04 -1.55 16.36
CA ALA A 53 -6.49 -1.31 17.73
C ALA A 53 -6.35 0.20 18.03
N GLU A 54 -5.22 0.82 17.68
CA GLU A 54 -5.03 2.28 17.89
C GLU A 54 -6.09 3.10 17.15
N GLU A 55 -6.53 2.63 15.96
CA GLU A 55 -7.54 3.28 15.13
C GLU A 55 -8.96 3.11 15.68
N GLY A 56 -9.12 2.31 16.73
CA GLY A 56 -10.42 2.17 17.37
C GLY A 56 -11.20 0.92 17.05
N ALA A 57 -10.57 -0.13 16.49
CA ALA A 57 -11.25 -1.40 16.25
C ALA A 57 -11.80 -1.93 17.58
N ASP A 58 -12.97 -2.56 17.56
CA ASP A 58 -13.60 -3.18 18.73
C ASP A 58 -13.15 -4.61 18.87
N LEU A 59 -12.65 -5.20 17.76
CA LEU A 59 -12.16 -6.58 17.72
C LEU A 59 -11.31 -6.76 16.47
N LEU A 60 -10.41 -7.74 16.51
CA LEU A 60 -9.53 -8.04 15.38
C LEU A 60 -9.82 -9.43 14.86
N ASP A 61 -9.89 -9.59 13.53
CA ASP A 61 -10.15 -10.88 12.91
C ASP A 61 -8.84 -11.31 12.24
N ILE A 62 -8.22 -12.36 12.77
CA ILE A 62 -6.90 -12.85 12.34
C ILE A 62 -7.10 -14.06 11.43
N GLY A 63 -6.66 -13.96 10.20
CA GLY A 63 -6.83 -15.06 9.24
C GLY A 63 -5.55 -15.38 8.51
N GLY A 64 -5.31 -16.67 8.26
CA GLY A 64 -4.10 -17.08 7.55
C GLY A 64 -4.38 -17.68 6.19
N GLU A 65 -5.65 -17.68 5.76
CA GLU A 65 -6.05 -18.29 4.48
C GLU A 65 -7.04 -17.40 3.73
N THR A 67 -5.58 -15.00 0.40
CA THR A 67 -5.64 -13.67 -0.25
C THR A 67 -4.98 -13.72 -1.64
N ARG A 68 -5.75 -14.14 -2.67
CA ARG A 68 -5.32 -14.28 -4.08
C ARG A 68 -6.52 -14.58 -4.99
N PRO A 69 -6.50 -14.21 -6.31
CA PRO A 69 -7.65 -14.54 -7.19
C PRO A 69 -7.68 -16.05 -7.44
N GLY A 70 -8.77 -16.70 -7.01
CA GLY A 70 -8.96 -18.15 -7.09
C GLY A 70 -7.90 -18.83 -6.25
N ALA A 71 -7.74 -18.32 -5.00
CA ALA A 71 -6.74 -18.68 -3.99
C ALA A 71 -6.49 -20.16 -3.80
N THR A 72 -5.19 -20.51 -3.70
CA THR A 72 -4.72 -21.87 -3.45
C THR A 72 -5.03 -22.17 -1.97
N ALA A 73 -5.63 -23.34 -1.70
CA ALA A 73 -5.95 -23.78 -0.35
C ALA A 73 -4.66 -23.81 0.50
N VAL A 74 -4.73 -23.32 1.74
CA VAL A 74 -3.58 -23.26 2.65
C VAL A 74 -3.58 -24.52 3.52
N PRO A 75 -2.50 -25.34 3.53
CA PRO A 75 -2.49 -26.53 4.38
C PRO A 75 -2.54 -26.13 5.84
N VAL A 76 -3.23 -26.95 6.68
CA VAL A 76 -3.41 -26.69 8.09
C VAL A 76 -2.10 -26.29 8.81
N GLU A 77 -0.98 -27.01 8.57
CA GLU A 77 0.27 -26.70 9.26
C GLU A 77 0.75 -25.28 8.96
N GLU A 78 0.62 -24.85 7.68
CA GLU A 78 0.99 -23.49 7.28
C GLU A 78 0.02 -22.45 7.90
N GLU A 79 -1.29 -22.76 7.94
CA GLU A 79 -2.28 -21.85 8.52
C GLU A 79 -1.96 -21.65 10.02
N LEU A 80 -1.58 -22.74 10.73
CA LEU A 80 -1.21 -22.63 12.15
C LEU A 80 0.05 -21.79 12.33
N ARG A 81 1.05 -22.00 11.46
CA ARG A 81 2.32 -21.27 11.48
C ARG A 81 2.08 -19.76 11.33
N ARG A 82 1.04 -19.38 10.59
CA ARG A 82 0.68 -17.99 10.40
C ARG A 82 -0.11 -17.41 11.56
N VAL A 83 -1.26 -18.04 11.91
CA VAL A 83 -2.19 -17.41 12.85
C VAL A 83 -1.78 -17.56 14.31
N ILE A 84 -1.20 -18.71 14.73
CA ILE A 84 -0.94 -18.88 16.18
C ILE A 84 0.05 -17.87 16.73
N PRO A 85 1.23 -17.62 16.12
CA PRO A 85 2.15 -16.62 16.72
C PRO A 85 1.52 -15.22 16.75
N VAL A 86 0.67 -14.89 15.74
CA VAL A 86 0.00 -13.58 15.69
C VAL A 86 -1.01 -13.45 16.83
N ILE A 87 -1.83 -14.50 17.07
CA ILE A 87 -2.78 -14.48 18.18
C ILE A 87 -2.03 -14.38 19.52
N GLU A 88 -0.93 -15.15 19.70
CA GLU A 88 -0.17 -15.13 20.97
C GLU A 88 0.36 -13.72 21.26
N ARG A 89 0.88 -13.05 20.24
CA ARG A 89 1.41 -11.70 20.40
C ARG A 89 0.32 -10.66 20.60
N LEU A 90 -0.77 -10.73 19.80
CA LEU A 90 -1.87 -9.77 19.95
C LEU A 90 -2.65 -9.91 21.25
N VAL A 91 -2.81 -11.14 21.78
CA VAL A 91 -3.53 -11.32 23.05
C VAL A 91 -2.74 -10.66 24.21
N ALA A 92 -1.41 -10.66 24.11
CA ALA A 92 -0.53 -10.06 25.11
C ALA A 92 -0.42 -8.53 24.94
N GLN A 93 -0.62 -8.01 23.71
CA GLN A 93 -0.40 -6.59 23.42
C GLN A 93 -1.64 -5.75 23.16
N THR A 94 -2.83 -6.36 23.21
CA THR A 94 -4.09 -5.64 23.05
C THR A 94 -5.05 -6.12 24.12
N ALA A 95 -6.10 -5.32 24.36
CA ALA A 95 -7.17 -5.62 25.30
C ALA A 95 -8.41 -6.07 24.51
N LEU A 96 -8.32 -6.09 23.17
CA LEU A 96 -9.47 -6.40 22.33
C LEU A 96 -9.81 -7.85 22.21
N PRO A 97 -11.12 -8.19 22.05
CA PRO A 97 -11.49 -9.54 21.67
C PRO A 97 -10.81 -9.86 20.33
N LEU A 98 -10.38 -11.11 20.18
CA LEU A 98 -9.71 -11.57 18.97
C LEU A 98 -10.50 -12.70 18.34
N SER A 99 -10.76 -12.58 17.06
CA SER A 99 -11.44 -13.60 16.28
C SER A 99 -10.43 -14.30 15.39
N VAL A 100 -10.62 -15.60 15.18
CA VAL A 100 -9.81 -16.36 14.25
C VAL A 100 -10.69 -16.68 13.04
N ASP A 101 -10.23 -16.29 11.87
CA ASP A 101 -10.98 -16.51 10.63
C ASP A 101 -10.46 -17.83 10.01
N THR A 102 -11.16 -18.92 10.30
CA THR A 102 -10.77 -20.25 9.81
C THR A 102 -12.00 -21.12 9.68
N PHE A 103 -11.95 -22.15 8.82
CA PHE A 103 -13.02 -23.13 8.73
C PHE A 103 -12.53 -24.48 9.26
N LYS A 104 -11.26 -24.56 9.72
CA LYS A 104 -10.67 -25.83 10.15
C LYS A 104 -10.76 -26.04 11.64
N PRO A 105 -11.39 -27.15 12.11
CA PRO A 105 -11.51 -27.35 13.56
C PRO A 105 -10.21 -27.39 14.30
N GLU A 106 -9.14 -27.92 13.69
CA GLU A 106 -7.83 -28.00 14.36
C GLU A 106 -7.32 -26.60 14.59
N VAL A 107 -7.57 -25.66 13.64
CA VAL A 107 -7.13 -24.26 13.79
C VAL A 107 -8.01 -23.59 14.83
N MET A 108 -9.32 -23.87 14.83
CA MET A 108 -10.22 -23.29 15.82
C MET A 108 -9.75 -23.64 17.24
N ARG A 109 -9.46 -24.94 17.49
CA ARG A 109 -9.02 -25.37 18.83
C ARG A 109 -7.69 -24.76 19.21
N ALA A 110 -6.71 -24.82 18.32
CA ALA A 110 -5.38 -24.28 18.60
C ALA A 110 -5.42 -22.75 18.80
N ALA A 111 -6.24 -22.06 18.01
CA ALA A 111 -6.36 -20.60 18.11
C ALA A 111 -6.97 -20.17 19.43
N VAL A 112 -8.04 -20.87 19.87
CA VAL A 112 -8.65 -20.58 21.17
C VAL A 112 -7.68 -20.87 22.32
N ALA A 113 -6.91 -21.97 22.23
CA ALA A 113 -5.91 -22.27 23.27
C ALA A 113 -4.85 -21.18 23.31
N ALA A 114 -4.54 -20.57 22.16
CA ALA A 114 -3.55 -19.50 22.02
C ALA A 114 -4.09 -18.12 22.47
N GLY A 115 -5.40 -17.98 22.66
CA GLY A 115 -5.98 -16.73 23.11
C GLY A 115 -7.13 -16.14 22.31
N ALA A 116 -7.51 -16.76 21.16
CA ALA A 116 -8.63 -16.27 20.38
C ALA A 116 -9.91 -16.45 21.21
N GLY A 117 -10.83 -15.51 21.07
CA GLY A 117 -12.10 -15.48 21.79
C GLY A 117 -13.33 -15.61 20.93
N MET A 118 -13.16 -15.82 19.64
CA MET A 118 -14.29 -15.92 18.71
C MET A 118 -13.78 -16.63 17.48
N ILE A 119 -14.67 -17.30 16.79
CA ILE A 119 -14.35 -18.02 15.55
C ILE A 119 -15.20 -17.41 14.47
N ASN A 120 -14.56 -17.07 13.35
CA ASN A 120 -15.27 -16.49 12.20
C ASN A 120 -15.13 -17.54 11.11
N ASP A 121 -16.22 -18.26 10.84
CA ASP A 121 -16.17 -19.37 9.90
C ASP A 121 -16.92 -19.16 8.60
N VAL A 122 -16.17 -18.98 7.51
CA VAL A 122 -16.73 -18.79 6.17
C VAL A 122 -17.55 -20.01 5.71
N GLN A 123 -17.32 -21.19 6.31
CA GLN A 123 -18.05 -22.42 5.98
C GLN A 123 -19.23 -22.71 6.91
N ALA A 124 -19.53 -21.76 7.87
CA ALA A 124 -20.67 -21.88 8.80
C ALA A 124 -20.72 -23.28 9.50
N LEU A 125 -19.54 -23.75 9.96
CA LEU A 125 -19.33 -25.00 10.71
C LEU A 125 -19.65 -26.26 9.92
N ARG A 126 -19.56 -26.19 8.57
CA ARG A 126 -19.83 -27.36 7.76
C ARG A 126 -18.65 -28.30 7.62
N GLN A 127 -17.43 -27.87 8.00
CA GLN A 127 -16.26 -28.77 7.96
C GLN A 127 -16.41 -29.82 9.08
N PRO A 128 -16.24 -31.13 8.77
CA PRO A 128 -16.42 -32.16 9.81
C PRO A 128 -15.56 -31.90 11.05
N GLY A 129 -16.23 -31.79 12.19
CA GLY A 129 -15.60 -31.51 13.47
C GLY A 129 -15.77 -30.07 13.93
N ALA A 130 -16.16 -29.17 13.02
CA ALA A 130 -16.31 -27.76 13.39
C ALA A 130 -17.41 -27.54 14.45
N LEU A 131 -18.53 -28.25 14.33
CA LEU A 131 -19.65 -28.14 15.31
C LEU A 131 -19.18 -28.61 16.67
N ASP A 132 -18.48 -29.78 16.76
CA ASP A 132 -17.93 -30.31 18.01
C ASP A 132 -16.90 -29.34 18.60
N ALA A 133 -16.00 -28.76 17.77
CA ALA A 133 -15.01 -27.81 18.31
C ALA A 133 -15.69 -26.57 18.91
N VAL A 134 -16.59 -25.94 18.19
CA VAL A 134 -17.21 -24.73 18.73
C VAL A 134 -18.06 -25.06 19.97
N ALA A 135 -18.79 -26.22 19.98
CA ALA A 135 -19.58 -26.62 21.15
C ALA A 135 -18.65 -26.78 22.37
N ASP A 136 -17.45 -27.38 22.19
CA ASP A 136 -16.46 -27.57 23.25
C ASP A 136 -15.79 -26.29 23.69
N LEU A 137 -15.47 -25.42 22.71
CA LEU A 137 -14.71 -24.22 23.01
C LEU A 137 -15.48 -23.11 23.72
N ARG A 138 -16.81 -23.09 23.62
CA ARG A 138 -17.68 -22.11 24.28
C ARG A 138 -17.30 -20.66 23.99
N VAL A 139 -17.02 -20.38 22.71
CA VAL A 139 -16.72 -19.03 22.25
C VAL A 139 -17.77 -18.63 21.22
N PRO A 140 -17.97 -17.30 20.97
CA PRO A 140 -18.89 -16.90 19.90
C PRO A 140 -18.41 -17.38 18.53
N VAL A 141 -19.35 -17.52 17.60
CA VAL A 141 -19.00 -17.99 16.25
C VAL A 141 -19.82 -17.27 15.20
N VAL A 142 -19.17 -16.88 14.11
CA VAL A 142 -19.85 -16.26 12.99
C VAL A 142 -20.18 -17.35 11.97
N LEU A 143 -21.44 -17.44 11.57
CA LEU A 143 -21.90 -18.36 10.55
C LEU A 143 -22.14 -17.55 9.28
N MET A 144 -21.28 -17.74 8.30
CA MET A 144 -21.38 -16.97 7.07
C MET A 144 -21.99 -17.79 5.95
N HIS A 145 -22.62 -17.13 4.97
CA HIS A 145 -23.16 -17.81 3.82
C HIS A 145 -22.14 -17.81 2.68
N MET A 146 -21.87 -18.99 2.14
CA MET A 146 -21.10 -19.11 0.90
C MET A 146 -21.64 -20.34 0.17
N PRO A 147 -21.91 -20.24 -1.15
CA PRO A 147 -22.46 -21.39 -1.87
C PRO A 147 -21.43 -22.51 -2.04
N ALA A 156 -19.97 -16.92 -9.82
CA ALA A 156 -21.15 -16.66 -8.99
C ALA A 156 -22.33 -17.51 -9.49
N PRO A 157 -22.93 -18.37 -8.64
CA PRO A 157 -24.06 -19.19 -9.10
C PRO A 157 -25.36 -18.39 -9.26
N HIS A 158 -26.34 -18.99 -9.92
CA HIS A 158 -27.64 -18.38 -10.12
C HIS A 158 -28.53 -18.61 -8.90
N TYR A 159 -29.18 -17.55 -8.45
CA TYR A 159 -30.14 -17.60 -7.36
C TYR A 159 -31.50 -17.20 -7.91
N ASP A 160 -32.55 -17.94 -7.56
CA ASP A 160 -33.92 -17.57 -7.93
C ASP A 160 -34.29 -16.32 -7.10
N ASP A 161 -33.85 -16.30 -5.82
CA ASP A 161 -34.11 -15.25 -4.84
C ASP A 161 -32.94 -15.29 -3.84
N VAL A 162 -31.88 -14.52 -4.10
CA VAL A 162 -30.68 -14.50 -3.25
C VAL A 162 -31.00 -14.19 -1.76
N VAL A 163 -31.91 -13.25 -1.48
CA VAL A 163 -32.25 -12.87 -0.10
C VAL A 163 -32.91 -14.04 0.63
N ALA A 164 -33.88 -14.69 -0.03
CA ALA A 164 -34.60 -15.80 0.57
C ALA A 164 -33.66 -17.00 0.75
N GLU A 165 -32.78 -17.27 -0.22
CA GLU A 165 -31.82 -18.38 -0.18
C GLU A 165 -30.79 -18.21 0.93
N VAL A 166 -30.21 -16.98 1.04
CA VAL A 166 -29.26 -16.68 2.13
C VAL A 166 -29.95 -16.80 3.48
N HIS A 167 -31.18 -16.24 3.62
CA HIS A 167 -31.96 -16.33 4.88
C HIS A 167 -32.18 -17.81 5.25
N ARG A 168 -32.61 -18.62 4.28
CA ARG A 168 -32.92 -20.04 4.50
C ARG A 168 -31.66 -20.78 4.96
N PHE A 169 -30.50 -20.53 4.29
CA PHE A 169 -29.23 -21.14 4.67
C PHE A 169 -28.86 -20.80 6.12
N LEU A 170 -28.96 -19.51 6.50
CA LEU A 170 -28.60 -19.07 7.86
C LEU A 170 -29.51 -19.63 8.93
N VAL A 171 -30.82 -19.78 8.66
CA VAL A 171 -31.76 -20.41 9.59
C VAL A 171 -31.27 -21.88 9.82
N GLU A 172 -30.98 -22.61 8.73
CA GLU A 172 -30.45 -23.99 8.76
C GLU A 172 -29.17 -24.11 9.59
N ARG A 173 -28.22 -23.17 9.42
CA ARG A 173 -26.96 -23.22 10.17
C ARG A 173 -27.14 -22.84 11.63
N ILE A 174 -28.04 -21.89 11.95
CA ILE A 174 -28.33 -21.54 13.35
C ILE A 174 -28.87 -22.82 14.03
N PHE A 175 -29.82 -23.50 13.37
CA PHE A 175 -30.46 -24.72 13.87
C PHE A 175 -29.41 -25.82 14.08
N ALA A 176 -28.54 -26.08 13.09
CA ALA A 176 -27.44 -27.05 13.18
C ALA A 176 -26.53 -26.75 14.37
N ALA A 177 -26.19 -25.45 14.55
CA ALA A 177 -25.36 -25.06 15.70
C ALA A 177 -26.07 -25.28 17.03
N GLU A 178 -27.34 -24.87 17.13
CA GLU A 178 -28.12 -25.08 18.39
C GLU A 178 -28.26 -26.56 18.72
N MET A 179 -28.56 -27.38 17.71
CA MET A 179 -28.70 -28.83 17.88
C MET A 179 -27.39 -29.51 18.29
N ALA A 180 -26.21 -28.94 17.95
CA ALA A 180 -24.89 -29.43 18.34
C ALA A 180 -24.52 -28.99 19.77
N GLY A 181 -25.38 -28.19 20.39
CA GLY A 181 -25.10 -27.73 21.76
C GLY A 181 -24.43 -26.38 21.85
N ILE A 182 -24.42 -25.61 20.75
CA ILE A 182 -23.81 -24.28 20.80
C ILE A 182 -24.95 -23.35 21.26
N ASP A 183 -24.70 -22.58 22.33
CA ASP A 183 -25.71 -21.64 22.86
C ASP A 183 -26.07 -20.60 21.78
N LYS A 184 -27.39 -20.36 21.56
CA LYS A 184 -27.85 -19.37 20.57
C LYS A 184 -27.26 -17.98 20.83
N ARG A 185 -26.94 -17.65 22.11
CA ARG A 185 -26.39 -16.35 22.49
C ARG A 185 -24.95 -16.14 21.99
N ARG A 186 -24.30 -17.23 21.56
CA ARG A 186 -22.94 -17.16 21.07
C ARG A 186 -22.90 -17.08 19.53
N LEU A 187 -24.05 -17.07 18.87
CA LEU A 187 -24.08 -17.07 17.41
C LEU A 187 -24.15 -15.69 16.81
N LEU A 188 -23.51 -15.51 15.62
CA LEU A 188 -23.59 -14.32 14.80
C LEU A 188 -23.82 -14.87 13.41
N ILE A 189 -24.49 -14.09 12.53
CA ILE A 189 -24.68 -14.55 11.15
C ILE A 189 -24.15 -13.51 10.19
N ASP A 190 -23.84 -13.92 8.96
CA ASP A 190 -23.25 -13.00 8.01
C ASP A 190 -23.72 -13.46 6.62
N PRO A 191 -24.29 -12.56 5.79
CA PRO A 191 -24.73 -12.98 4.44
C PRO A 191 -23.63 -13.31 3.47
N GLY A 192 -22.39 -13.01 3.85
CA GLY A 192 -21.23 -13.33 3.02
C GLY A 192 -21.14 -12.53 1.75
N PHE A 193 -21.12 -11.19 1.88
CA PHE A 193 -21.01 -10.35 0.68
C PHE A 193 -19.78 -10.74 -0.15
N GLY A 194 -19.98 -10.89 -1.45
CA GLY A 194 -18.91 -11.21 -2.38
C GLY A 194 -18.59 -12.70 -2.56
N PHE A 195 -19.16 -13.58 -1.72
CA PHE A 195 -18.90 -15.02 -1.83
C PHE A 195 -19.97 -15.68 -2.69
N GLY A 196 -19.63 -15.90 -3.95
CA GLY A 196 -20.53 -16.49 -4.93
C GLY A 196 -21.76 -15.63 -5.17
N LYS A 197 -21.54 -14.30 -5.27
CA LYS A 197 -22.61 -13.32 -5.44
C LYS A 197 -22.19 -12.24 -6.40
N SER A 198 -23.09 -11.86 -7.32
CA SER A 198 -22.81 -10.77 -8.27
C SER A 198 -22.95 -9.45 -7.54
N THR A 199 -22.58 -8.31 -8.17
CA THR A 199 -22.79 -6.98 -7.57
C THR A 199 -24.29 -6.80 -7.27
N ALA A 200 -25.18 -7.17 -8.24
CA ALA A 200 -26.63 -7.05 -8.06
C ALA A 200 -27.10 -7.84 -6.83
N ASP A 201 -26.56 -9.08 -6.63
CA ASP A 201 -26.91 -9.91 -5.46
C ASP A 201 -26.44 -9.23 -4.18
N ASN A 202 -25.23 -8.67 -4.20
CA ASN A 202 -24.70 -8.00 -2.99
C ASN A 202 -25.53 -6.77 -2.63
N VAL A 203 -25.96 -5.99 -3.64
CA VAL A 203 -26.78 -4.81 -3.43
C VAL A 203 -28.16 -5.22 -2.88
N GLN A 204 -28.75 -6.31 -3.42
CA GLN A 204 -30.02 -6.84 -2.94
C GLN A 204 -29.92 -7.24 -1.47
N LEU A 205 -28.86 -7.97 -1.10
CA LEU A 205 -28.67 -8.41 0.28
C LEU A 205 -28.49 -7.27 1.24
N LEU A 206 -27.79 -6.21 0.79
CA LEU A 206 -27.56 -5.02 1.63
C LEU A 206 -28.86 -4.24 1.78
N ALA A 207 -29.59 -4.05 0.68
CA ALA A 207 -30.86 -3.33 0.74
C ALA A 207 -31.87 -4.07 1.65
N HIS A 208 -31.88 -5.41 1.60
CA HIS A 208 -32.79 -6.25 2.39
C HIS A 208 -32.19 -6.80 3.67
N LEU A 209 -31.07 -6.22 4.14
CA LEU A 209 -30.41 -6.64 5.37
C LEU A 209 -31.35 -6.65 6.59
N PRO A 210 -32.33 -5.73 6.76
CA PRO A 210 -33.20 -5.81 7.95
C PRO A 210 -33.93 -7.16 8.09
N ARG A 211 -34.23 -7.84 6.95
CA ARG A 211 -34.90 -9.15 6.94
C ARG A 211 -34.06 -10.23 7.64
N LEU A 212 -32.70 -10.13 7.51
CA LEU A 212 -31.79 -11.07 8.15
C LEU A 212 -31.65 -10.77 9.63
N CYS A 213 -31.87 -9.50 10.02
CA CYS A 213 -31.74 -9.06 11.41
C CYS A 213 -32.88 -9.55 12.30
N GLU A 214 -33.93 -10.13 11.68
CA GLU A 214 -35.11 -10.66 12.38
C GLU A 214 -34.93 -12.11 12.87
N LEU A 215 -33.71 -12.68 12.76
CA LEU A 215 -33.42 -14.06 13.18
C LEU A 215 -32.97 -14.16 14.64
N GLY A 216 -33.01 -13.03 15.35
CA GLY A 216 -32.66 -12.95 16.77
C GLY A 216 -31.19 -13.06 17.09
N VAL A 217 -30.33 -12.96 16.06
CA VAL A 217 -28.89 -13.07 16.26
C VAL A 217 -28.17 -11.87 15.62
N PRO A 218 -27.10 -11.35 16.24
CA PRO A 218 -26.36 -10.22 15.62
C PRO A 218 -25.87 -10.54 14.22
N VAL A 219 -25.85 -9.51 13.35
CA VAL A 219 -25.46 -9.68 11.94
C VAL A 219 -24.15 -8.95 11.68
N LEU A 220 -23.22 -9.65 11.04
N LEU A 220 -23.22 -9.65 11.04
CA LEU A 220 -21.93 -9.11 10.64
CA LEU A 220 -21.93 -9.09 10.64
C LEU A 220 -22.01 -8.83 9.13
C LEU A 220 -21.97 -8.85 9.13
N ALA A 221 -21.50 -7.68 8.68
CA ALA A 221 -21.47 -7.35 7.25
C ALA A 221 -20.03 -7.02 6.93
N GLY A 222 -19.53 -7.60 5.85
CA GLY A 222 -18.17 -7.35 5.40
C GLY A 222 -18.19 -7.00 3.91
N LEU A 223 -18.07 -5.72 3.54
CA LEU A 223 -18.06 -5.37 2.11
C LEU A 223 -16.74 -4.68 1.79
N SER A 224 -15.81 -4.71 2.73
CA SER A 224 -14.55 -3.96 2.66
C SER A 224 -13.70 -4.20 1.42
N ARG A 225 -13.58 -3.13 0.61
CA ARG A 225 -12.77 -3.07 -0.61
C ARG A 225 -13.09 -4.18 -1.60
N LYS A 226 -14.31 -4.71 -1.48
CA LYS A 226 -14.68 -5.84 -2.33
C LYS A 226 -14.98 -5.42 -3.77
N ARG A 227 -14.92 -6.41 -4.70
CA ARG A 227 -15.13 -6.17 -6.12
C ARG A 227 -16.41 -5.42 -6.38
N SER A 228 -17.52 -5.77 -5.71
N SER A 228 -17.52 -5.79 -5.70
CA SER A 228 -18.81 -5.09 -5.91
CA SER A 228 -18.83 -5.15 -5.82
C SER A 228 -18.73 -3.63 -5.62
C SER A 228 -18.75 -3.66 -5.59
N ILE A 229 -17.94 -3.23 -4.58
CA ILE A 229 -17.74 -1.81 -4.28
C ILE A 229 -16.99 -1.15 -5.44
N GLY A 230 -15.97 -1.85 -5.96
CA GLY A 230 -15.20 -1.40 -7.10
C GLY A 230 -16.07 -1.23 -8.33
N GLU A 231 -17.00 -2.18 -8.57
CA GLU A 231 -17.96 -2.11 -9.71
C GLU A 231 -18.96 -0.94 -9.56
N LEU A 232 -19.48 -0.72 -8.36
CA LEU A 232 -20.44 0.36 -8.12
C LEU A 232 -19.81 1.74 -8.30
N THR A 233 -18.55 1.91 -7.95
CA THR A 233 -17.85 3.20 -7.95
C THR A 233 -16.85 3.42 -9.10
N GLY A 234 -16.55 2.38 -9.84
CA GLY A 234 -15.56 2.42 -10.92
C GLY A 234 -14.14 2.53 -10.40
N ARG A 235 -13.85 1.95 -9.21
CA ARG A 235 -12.53 2.01 -8.60
C ARG A 235 -11.86 0.64 -8.78
N GLU A 236 -10.86 0.59 -9.65
CA GLU A 236 -10.16 -0.65 -10.03
C GLU A 236 -9.33 -1.25 -8.93
N LEU A 237 -8.58 -0.43 -8.20
CA LEU A 237 -7.68 -0.96 -7.17
C LEU A 237 -8.33 -1.02 -5.79
N PRO A 238 -8.10 -2.11 -5.01
CA PRO A 238 -8.71 -2.21 -3.69
C PRO A 238 -8.52 -0.96 -2.83
N GLU A 239 -7.31 -0.36 -2.84
CA GLU A 239 -7.00 0.83 -2.04
C GLU A 239 -7.80 2.07 -2.45
N GLN A 240 -8.43 2.06 -3.64
CA GLN A 240 -9.21 3.19 -4.19
C GLN A 240 -10.67 3.06 -3.76
N ARG A 241 -11.00 1.94 -3.06
CA ARG A 241 -12.38 1.64 -2.68
C ARG A 241 -12.73 1.99 -1.25
N VAL A 242 -11.90 2.79 -0.61
CA VAL A 242 -12.13 3.11 0.79
C VAL A 242 -13.44 3.91 1.01
N ALA A 243 -13.65 5.02 0.26
CA ALA A 243 -14.88 5.79 0.47
C ALA A 243 -16.15 4.99 0.21
N GLY A 244 -16.18 4.21 -0.87
CA GLY A 244 -17.36 3.39 -1.17
C GLY A 244 -17.59 2.32 -0.11
N SER A 245 -16.49 1.76 0.43
CA SER A 245 -16.56 0.72 1.50
C SER A 245 -17.12 1.33 2.78
N VAL A 246 -16.62 2.52 3.17
CA VAL A 246 -17.10 3.18 4.38
C VAL A 246 -18.61 3.49 4.23
N ALA A 247 -19.04 3.97 3.03
CA ALA A 247 -20.44 4.23 2.77
C ALA A 247 -21.24 2.93 2.92
N ALA A 248 -20.77 1.83 2.29
CA ALA A 248 -21.45 0.51 2.37
C ALA A 248 -21.60 0.04 3.83
N HIS A 249 -20.55 0.20 4.64
CA HIS A 249 -20.60 -0.20 6.04
C HIS A 249 -21.54 0.66 6.85
N LEU A 250 -21.58 1.98 6.59
CA LEU A 250 -22.58 2.83 7.25
C LEU A 250 -23.98 2.43 6.88
N LEU A 251 -24.24 2.13 5.59
CA LEU A 251 -25.55 1.68 5.15
C LEU A 251 -25.93 0.36 5.82
N ALA A 252 -24.95 -0.56 5.99
CA ALA A 252 -25.22 -1.84 6.65
C ALA A 252 -25.61 -1.62 8.11
N ALA A 253 -24.87 -0.74 8.80
CA ALA A 253 -25.14 -0.40 10.20
C ALA A 253 -26.55 0.23 10.33
N GLN A 254 -26.92 1.12 9.39
CA GLN A 254 -28.26 1.72 9.41
C GLN A 254 -29.34 0.67 9.19
N ARG A 255 -29.00 -0.41 8.45
CA ARG A 255 -29.92 -1.49 8.13
C ARG A 255 -29.88 -2.67 9.11
N GLY A 256 -29.26 -2.47 10.27
CA GLY A 256 -29.28 -3.42 11.37
C GLY A 256 -28.02 -4.20 11.68
N ALA A 257 -26.96 -4.10 10.84
CA ALA A 257 -25.73 -4.85 11.13
C ALA A 257 -25.10 -4.34 12.43
N LEU A 258 -24.72 -5.27 13.35
CA LEU A 258 -24.05 -4.87 14.61
C LEU A 258 -22.54 -5.04 14.58
N LEU A 259 -22.04 -5.72 13.55
CA LEU A 259 -20.58 -5.89 13.42
C LEU A 259 -20.19 -5.61 11.98
N LEU A 260 -19.08 -4.91 11.79
CA LEU A 260 -18.62 -4.49 10.44
C LEU A 260 -17.19 -4.92 10.27
N ARG A 261 -16.94 -5.73 9.25
CA ARG A 261 -15.61 -6.34 9.04
C ARG A 261 -14.87 -5.49 8.02
N VAL A 262 -13.89 -4.72 8.48
CA VAL A 262 -13.27 -3.71 7.61
C VAL A 262 -11.75 -3.68 7.61
N HIS A 263 -11.17 -3.15 6.51
CA HIS A 263 -9.73 -2.88 6.45
C HIS A 263 -9.49 -1.45 6.99
N ASP A 264 -10.39 -0.50 6.65
CA ASP A 264 -10.22 0.92 6.94
C ASP A 264 -10.90 1.31 8.25
N VAL A 265 -10.23 0.89 9.32
CA VAL A 265 -10.80 1.04 10.67
C VAL A 265 -11.04 2.50 11.04
N ALA A 266 -10.03 3.35 11.04
CA ALA A 266 -10.21 4.75 11.46
C ALA A 266 -11.32 5.46 10.70
N ALA A 267 -11.37 5.26 9.36
CA ALA A 267 -12.41 5.89 8.55
C ALA A 267 -13.79 5.39 8.89
N THR A 268 -13.94 4.06 9.10
CA THR A 268 -15.24 3.49 9.45
C THR A 268 -15.68 3.98 10.84
N VAL A 269 -14.75 4.02 11.80
CA VAL A 269 -15.07 4.52 13.14
C VAL A 269 -15.57 5.96 13.06
N ASP A 270 -14.89 6.79 12.30
CA ASP A 270 -15.32 8.21 12.13
C ASP A 270 -16.72 8.31 11.55
N ALA A 271 -17.00 7.52 10.50
CA ALA A 271 -18.34 7.54 9.88
C ALA A 271 -19.41 7.11 10.85
N LEU A 272 -19.16 6.01 11.60
CA LEU A 272 -20.14 5.53 12.56
C LEU A 272 -20.32 6.51 13.70
N THR A 273 -19.25 7.22 14.08
CA THR A 273 -19.31 8.19 15.18
C THR A 273 -20.24 9.36 14.81
N VAL A 274 -20.12 9.88 13.54
CA VAL A 274 -20.98 10.98 13.09
C VAL A 274 -22.42 10.49 13.09
N TRP A 275 -22.65 9.29 12.53
CA TRP A 275 -23.99 8.71 12.48
C TRP A 275 -24.58 8.53 13.89
N GLN A 276 -23.77 8.00 14.83
CA GLN A 276 -24.23 7.81 16.22
C GLN A 276 -24.72 9.15 16.80
N ALA A 277 -23.97 10.24 16.61
CA ALA A 277 -24.34 11.58 17.13
C ALA A 277 -25.69 12.02 16.59
N VAL A 278 -25.92 11.81 15.29
CA VAL A 278 -27.15 12.18 14.61
C VAL A 278 -28.32 11.31 15.07
N GLN A 279 -28.10 9.98 15.13
CA GLN A 279 -29.13 9.02 15.53
C GLN A 279 -29.56 9.23 16.99
N ALA A 280 -28.67 9.78 17.83
CA ALA A 280 -28.92 10.05 19.25
C ALA A 280 -29.88 11.22 19.50
N VAL A 281 -30.21 12.01 18.46
CA VAL A 281 -31.12 13.14 18.60
C VAL A 281 -32.57 12.65 18.65
N PRO A 282 -33.30 12.97 19.76
CA PRO A 282 -34.71 12.55 19.85
C PRO A 282 -35.63 13.39 18.95
N SER B 5 37.31 11.32 -0.55
CA SER B 5 35.89 11.04 -0.71
C SER B 5 35.04 12.31 -0.68
N PRO B 6 34.02 12.44 -1.58
CA PRO B 6 33.16 13.64 -1.55
C PRO B 6 32.51 13.87 -0.20
N ARG B 7 32.58 15.11 0.26
CA ARG B 7 32.04 15.56 1.53
C ARG B 7 31.05 16.67 1.19
N LEU B 8 29.75 16.36 1.22
CA LEU B 8 28.72 17.34 0.86
C LEU B 8 28.17 18.01 2.10
N ASP B 9 28.31 19.34 2.16
CA ASP B 9 27.79 20.11 3.27
C ASP B 9 26.35 20.51 2.90
N CYS B 10 25.38 19.79 3.46
CA CYS B 10 23.95 20.00 3.19
C CYS B 10 23.38 20.90 4.28
N ALA B 11 23.66 22.22 4.17
CA ALA B 11 23.23 23.26 5.11
C ALA B 11 23.59 22.89 6.56
N GLY B 12 24.84 22.47 6.75
CA GLY B 12 25.35 22.10 8.06
C GLY B 12 25.31 20.61 8.38
N ARG B 13 24.48 19.84 7.63
CA ARG B 13 24.35 18.38 7.80
C ARG B 13 25.26 17.75 6.77
N ILE B 14 26.30 17.05 7.24
CA ILE B 14 27.30 16.49 6.34
C ILE B 14 26.91 15.12 5.80
N LEU B 15 27.00 14.99 4.48
CA LEU B 15 26.76 13.75 3.77
C LEU B 15 28.13 13.32 3.23
N THR B 16 28.71 12.26 3.80
CA THR B 16 30.04 11.78 3.40
C THR B 16 29.88 10.61 2.43
N LEU B 17 30.38 10.78 1.21
CA LEU B 17 30.28 9.75 0.18
C LEU B 17 31.53 8.88 0.12
N ASP B 18 31.94 8.34 1.29
CA ASP B 18 33.05 7.42 1.43
C ASP B 18 32.61 5.99 1.02
N ARG B 19 31.29 5.81 0.87
CA ARG B 19 30.65 4.57 0.40
C ARG B 19 29.26 4.91 -0.15
N PRO B 20 28.59 4.03 -0.93
CA PRO B 20 27.25 4.41 -1.43
C PRO B 20 26.28 4.72 -0.30
N ARG B 21 25.56 5.84 -0.44
CA ARG B 21 24.61 6.30 0.55
C ARG B 21 23.19 6.16 0.02
N VAL B 22 22.23 6.07 0.92
CA VAL B 22 20.84 5.83 0.56
C VAL B 22 20.00 7.08 0.75
N MET B 23 19.37 7.51 -0.33
CA MET B 23 18.46 8.66 -0.38
C MET B 23 17.04 8.11 -0.35
N GLY B 24 16.34 8.29 0.77
CA GLY B 24 14.97 7.80 0.91
C GLY B 24 13.97 8.73 0.24
N ILE B 25 13.08 8.16 -0.58
CA ILE B 25 12.05 8.92 -1.32
C ILE B 25 10.88 9.28 -0.44
N VAL B 26 10.62 10.59 -0.29
CA VAL B 26 9.47 11.08 0.47
C VAL B 26 8.61 11.88 -0.50
N ASN B 27 7.60 11.23 -1.09
CA ASN B 27 6.67 11.91 -1.98
C ASN B 27 5.53 12.52 -1.19
N VAL B 28 5.28 13.82 -1.41
CA VAL B 28 4.23 14.52 -0.70
C VAL B 28 3.13 14.74 -1.72
N THR B 29 2.37 13.70 -2.03
CA THR B 29 1.28 13.80 -2.98
C THR B 29 0.10 13.05 -2.38
N PRO B 30 -1.16 13.53 -2.49
CA PRO B 30 -2.30 12.74 -1.97
C PRO B 30 -2.33 11.29 -2.52
N ASP B 31 -1.91 11.08 -3.78
CA ASP B 31 -1.89 9.76 -4.42
C ASP B 31 -0.89 8.77 -3.78
N SER B 32 0.15 9.29 -3.09
CA SER B 32 1.16 8.46 -2.43
C SER B 32 0.64 7.76 -1.18
N PHE B 33 -0.54 8.16 -0.67
CA PHE B 33 -1.12 7.58 0.54
C PHE B 33 -2.56 7.10 0.37
N SER B 34 -2.98 6.11 1.18
CA SER B 34 -4.35 5.56 1.13
C SER B 34 -5.08 5.83 2.45
N ASP B 35 -4.42 6.53 3.38
CA ASP B 35 -4.94 6.86 4.70
C ASP B 35 -5.45 8.31 4.83
N GLY B 36 -5.72 8.96 3.70
CA GLY B 36 -6.22 10.34 3.68
C GLY B 36 -7.55 10.60 4.35
N GLY B 37 -8.37 9.55 4.58
CA GLY B 37 -9.65 9.70 5.26
C GLY B 37 -9.47 10.31 6.63
N THR B 38 -8.35 9.96 7.32
CA THR B 38 -8.12 10.49 8.69
C THR B 38 -6.75 11.13 8.86
N HIS B 39 -5.96 11.24 7.78
CA HIS B 39 -4.63 11.83 7.86
C HIS B 39 -4.45 12.96 6.88
N THR B 40 -3.56 13.92 7.18
CA THR B 40 -3.27 14.94 6.18
C THR B 40 -2.13 14.37 5.30
N THR B 41 -1.98 14.92 4.07
CA THR B 41 -0.89 14.50 3.18
C THR B 41 0.47 14.79 3.84
N VAL B 42 0.61 16.00 4.43
CA VAL B 42 1.82 16.42 5.13
C VAL B 42 2.15 15.46 6.27
N GLU B 43 1.17 15.11 7.13
CA GLU B 43 1.47 14.24 8.27
C GLU B 43 1.90 12.82 7.84
N ALA B 44 1.32 12.30 6.75
CA ALA B 44 1.66 10.97 6.24
C ALA B 44 3.09 10.98 5.68
N ALA B 45 3.46 12.10 4.97
CA ALA B 45 4.81 12.26 4.38
C ALA B 45 5.86 12.39 5.49
N VAL B 46 5.54 13.13 6.56
CA VAL B 46 6.47 13.29 7.69
C VAL B 46 6.66 11.93 8.37
N ALA B 47 5.56 11.22 8.70
CA ALA B 47 5.70 9.88 9.30
C ALA B 47 6.51 8.95 8.41
N HIS B 48 6.29 9.02 7.07
CA HIS B 48 7.05 8.20 6.14
C HIS B 48 8.56 8.53 6.16
N GLY B 49 8.90 9.81 6.14
CA GLY B 49 10.30 10.23 6.21
C GLY B 49 10.95 9.78 7.51
N LEU B 50 10.21 9.83 8.63
CA LEU B 50 10.74 9.36 9.91
C LEU B 50 11.01 7.85 9.89
N ARG B 51 10.13 7.08 9.22
CA ARG B 51 10.28 5.62 9.08
C ARG B 51 11.52 5.32 8.24
N LEU B 52 11.71 6.03 7.11
CA LEU B 52 12.90 5.82 6.27
C LEU B 52 14.19 6.20 7.02
N ALA B 53 14.11 7.21 7.90
CA ALA B 53 15.24 7.60 8.75
C ALA B 53 15.57 6.44 9.70
N GLU B 54 14.55 5.84 10.36
CA GLU B 54 14.69 4.69 11.28
C GLU B 54 15.26 3.46 10.53
N GLU B 55 14.93 3.31 9.23
CA GLU B 55 15.41 2.21 8.37
C GLU B 55 16.85 2.40 7.90
N GLY B 56 17.44 3.54 8.21
CA GLY B 56 18.84 3.78 7.90
C GLY B 56 19.14 4.63 6.68
N ALA B 57 18.15 5.46 6.23
CA ALA B 57 18.40 6.38 5.11
C ALA B 57 19.50 7.36 5.54
N ASP B 58 20.36 7.73 4.60
CA ASP B 58 21.44 8.70 4.84
C ASP B 58 20.95 10.12 4.57
N LEU B 59 19.87 10.24 3.79
CA LEU B 59 19.26 11.51 3.45
C LEU B 59 17.84 11.26 2.93
N LEU B 60 17.00 12.30 2.95
CA LEU B 60 15.61 12.19 2.53
C LEU B 60 15.36 13.15 1.40
N ASP B 61 14.70 12.68 0.33
CA ASP B 61 14.38 13.51 -0.83
C ASP B 61 12.89 13.81 -0.79
N ILE B 62 12.53 15.07 -0.54
CA ILE B 62 11.14 15.50 -0.38
C ILE B 62 10.65 16.14 -1.67
N GLY B 63 9.62 15.56 -2.28
CA GLY B 63 9.11 16.07 -3.55
C GLY B 63 7.60 16.23 -3.54
N GLY B 64 7.11 17.32 -4.13
CA GLY B 64 5.67 17.56 -4.18
C GLY B 64 5.06 17.47 -5.56
N GLU B 65 5.85 17.10 -6.57
CA GLU B 65 5.40 17.01 -7.96
C GLU B 65 5.94 15.76 -8.65
N ARG B 68 2.05 10.39 -11.01
CA ARG B 68 1.09 9.86 -11.96
C ARG B 68 1.71 9.64 -13.36
N PRO B 69 1.25 8.64 -14.16
CA PRO B 69 1.82 8.47 -15.52
C PRO B 69 1.36 9.61 -16.42
N GLY B 70 2.32 10.39 -16.95
CA GLY B 70 2.05 11.58 -17.75
C GLY B 70 1.37 12.63 -16.89
N ALA B 71 1.91 12.81 -15.66
CA ALA B 71 1.43 13.67 -14.59
C ALA B 71 1.06 15.09 -14.99
N THR B 72 -0.04 15.58 -14.40
CA THR B 72 -0.51 16.95 -14.57
C THR B 72 0.45 17.84 -13.77
N ALA B 73 0.94 18.92 -14.40
CA ALA B 73 1.85 19.88 -13.77
C ALA B 73 1.23 20.43 -12.47
N VAL B 74 2.04 20.51 -11.41
CA VAL B 74 1.59 21.00 -10.10
C VAL B 74 1.90 22.50 -10.00
N PRO B 75 0.90 23.38 -9.73
CA PRO B 75 1.22 24.81 -9.63
C PRO B 75 2.12 25.08 -8.45
N VAL B 76 3.04 26.07 -8.59
CA VAL B 76 4.01 26.41 -7.56
C VAL B 76 3.38 26.55 -6.17
N GLU B 77 2.22 27.24 -6.02
CA GLU B 77 1.63 27.42 -4.71
C GLU B 77 1.25 26.07 -4.06
N GLU B 78 0.73 25.13 -4.86
CA GLU B 78 0.37 23.80 -4.37
C GLU B 78 1.64 23.01 -4.01
N GLU B 79 2.70 23.09 -4.83
CA GLU B 79 3.98 22.43 -4.54
C GLU B 79 4.55 22.93 -3.19
N LEU B 80 4.49 24.26 -2.94
CA LEU B 80 4.96 24.83 -1.68
C LEU B 80 4.15 24.35 -0.52
N ARG B 81 2.81 24.30 -0.68
CA ARG B 81 1.86 23.86 0.35
C ARG B 81 2.18 22.39 0.76
N ARG B 82 2.70 21.60 -0.18
CA ARG B 82 3.08 20.21 0.10
C ARG B 82 4.46 20.10 0.74
N VAL B 83 5.52 20.66 0.10
CA VAL B 83 6.88 20.40 0.59
C VAL B 83 7.31 21.20 1.79
N ILE B 84 6.93 22.50 1.87
CA ILE B 84 7.45 23.32 2.96
C ILE B 84 7.07 22.78 4.34
N PRO B 85 5.80 22.45 4.64
CA PRO B 85 5.50 21.95 5.99
C PRO B 85 6.22 20.64 6.30
N VAL B 86 6.45 19.80 5.27
CA VAL B 86 7.17 18.53 5.45
C VAL B 86 8.62 18.78 5.81
N ILE B 87 9.29 19.70 5.08
CA ILE B 87 10.67 20.08 5.36
C ILE B 87 10.77 20.67 6.78
N GLU B 88 9.86 21.60 7.14
CA GLU B 88 9.89 22.24 8.47
C GLU B 88 9.77 21.20 9.59
N ARG B 89 8.87 20.24 9.43
CA ARG B 89 8.68 19.20 10.44
C ARG B 89 9.85 18.22 10.49
N LEU B 90 10.31 17.76 9.31
CA LEU B 90 11.44 16.83 9.27
C LEU B 90 12.72 17.43 9.80
N VAL B 91 13.04 18.68 9.42
CA VAL B 91 14.29 19.34 9.88
C VAL B 91 14.32 19.41 11.42
N ALA B 92 13.16 19.55 12.07
CA ALA B 92 13.04 19.58 13.52
C ALA B 92 13.06 18.18 14.14
N GLN B 93 12.64 17.13 13.39
CA GLN B 93 12.50 15.78 13.95
C GLN B 93 13.55 14.75 13.52
N THR B 94 14.44 15.12 12.60
CA THR B 94 15.51 14.23 12.15
C THR B 94 16.79 15.04 12.10
N ALA B 95 17.92 14.35 12.18
CA ALA B 95 19.23 14.96 12.07
C ALA B 95 19.81 14.67 10.69
N LEU B 96 19.00 14.06 9.79
CA LEU B 96 19.45 13.75 8.43
C LEU B 96 19.49 14.95 7.47
N PRO B 97 20.45 14.96 6.51
CA PRO B 97 20.38 15.95 5.43
C PRO B 97 19.07 15.77 4.66
N LEU B 98 18.48 16.89 4.21
CA LEU B 98 17.23 16.86 3.47
C LEU B 98 17.39 17.46 2.10
N SER B 99 16.91 16.77 1.08
CA SER B 99 16.94 17.22 -0.29
C SER B 99 15.51 17.60 -0.71
N VAL B 100 15.37 18.65 -1.54
CA VAL B 100 14.10 19.02 -2.13
C VAL B 100 14.12 18.66 -3.59
N ASP B 101 13.14 17.86 -4.01
CA ASP B 101 13.04 17.41 -5.38
C ASP B 101 12.08 18.34 -6.10
N THR B 102 12.67 19.32 -6.82
CA THR B 102 11.91 20.36 -7.55
C THR B 102 12.76 20.94 -8.67
N PHE B 103 12.10 21.44 -9.72
CA PHE B 103 12.79 22.15 -10.81
C PHE B 103 12.47 23.65 -10.76
N LYS B 104 11.68 24.09 -9.77
CA LYS B 104 11.23 25.49 -9.69
C LYS B 104 12.10 26.31 -8.77
N PRO B 105 12.73 27.41 -9.28
CA PRO B 105 13.60 28.21 -8.41
C PRO B 105 12.93 28.78 -7.18
N GLU B 106 11.63 29.15 -7.28
CA GLU B 106 10.91 29.68 -6.12
C GLU B 106 10.80 28.61 -5.05
N VAL B 107 10.62 27.34 -5.45
CA VAL B 107 10.53 26.23 -4.49
C VAL B 107 11.91 25.95 -3.91
N MET B 108 12.97 26.03 -4.74
CA MET B 108 14.33 25.84 -4.25
C MET B 108 14.65 26.83 -3.15
N ARG B 109 14.35 28.13 -3.37
CA ARG B 109 14.64 29.15 -2.37
C ARG B 109 13.86 28.97 -1.12
N ALA B 110 12.53 28.74 -1.25
CA ALA B 110 11.68 28.57 -0.08
C ALA B 110 12.05 27.30 0.70
N ALA B 111 12.38 26.21 0.00
CA ALA B 111 12.74 24.95 0.65
C ALA B 111 14.04 25.06 1.43
N VAL B 112 15.06 25.73 0.86
CA VAL B 112 16.32 25.96 1.58
C VAL B 112 16.10 26.85 2.81
N ALA B 113 15.25 27.91 2.68
CA ALA B 113 14.96 28.76 3.84
C ALA B 113 14.24 27.98 4.92
N ALA B 114 13.46 26.95 4.53
CA ALA B 114 12.70 26.09 5.44
C ALA B 114 13.57 25.00 6.10
N GLY B 115 14.78 24.77 5.58
CA GLY B 115 15.68 23.78 6.15
C GLY B 115 16.26 22.73 5.21
N ALA B 116 15.89 22.75 3.91
CA ALA B 116 16.45 21.80 2.95
C ALA B 116 17.93 22.14 2.75
N GLY B 117 18.74 21.12 2.58
CA GLY B 117 20.19 21.25 2.41
C GLY B 117 20.73 20.80 1.09
N MET B 118 19.86 20.43 0.16
CA MET B 118 20.25 19.95 -1.16
C MET B 118 19.08 20.12 -2.07
N ILE B 119 19.34 20.32 -3.34
CA ILE B 119 18.34 20.46 -4.38
C ILE B 119 18.54 19.32 -5.35
N ASN B 120 17.46 18.58 -5.63
CA ASN B 120 17.49 17.50 -6.59
C ASN B 120 16.65 17.97 -7.75
N ASP B 121 17.29 18.33 -8.87
CA ASP B 121 16.58 18.90 -10.00
C ASP B 121 16.53 18.02 -11.23
N VAL B 122 15.33 17.50 -11.54
CA VAL B 122 15.08 16.68 -12.72
C VAL B 122 15.34 17.42 -14.03
N GLN B 123 15.29 18.77 -14.00
CA GLN B 123 15.53 19.61 -15.19
C GLN B 123 16.97 20.10 -15.30
N ALA B 124 17.86 19.67 -14.38
CA ALA B 124 19.28 20.02 -14.39
C ALA B 124 19.51 21.55 -14.54
N LEU B 125 18.74 22.33 -13.76
CA LEU B 125 18.80 23.80 -13.68
C LEU B 125 18.47 24.50 -14.99
N ARG B 126 17.65 23.88 -15.84
CA ARG B 126 17.25 24.50 -17.11
C ARG B 126 16.07 25.47 -16.99
N GLN B 127 15.34 25.44 -15.85
CA GLN B 127 14.23 26.36 -15.63
C GLN B 127 14.82 27.77 -15.40
N PRO B 128 14.30 28.81 -16.09
CA PRO B 128 14.87 30.16 -15.90
C PRO B 128 14.91 30.60 -14.45
N GLY B 129 16.09 30.91 -13.97
CA GLY B 129 16.36 31.34 -12.60
C GLY B 129 16.93 30.25 -11.71
N ALA B 130 16.88 28.98 -12.18
CA ALA B 130 17.40 27.86 -11.37
C ALA B 130 18.93 27.97 -11.13
N LEU B 131 19.70 28.37 -12.16
CA LEU B 131 21.15 28.53 -12.03
C LEU B 131 21.47 29.60 -11.00
N ASP B 132 20.80 30.78 -11.09
CA ASP B 132 20.99 31.87 -10.15
C ASP B 132 20.61 31.46 -8.75
N ALA B 133 19.47 30.72 -8.61
CA ALA B 133 19.01 30.25 -7.29
C ALA B 133 20.03 29.35 -6.60
N VAL B 134 20.53 28.33 -7.31
CA VAL B 134 21.51 27.39 -6.72
C VAL B 134 22.86 28.10 -6.46
N ALA B 135 23.29 29.02 -7.35
CA ALA B 135 24.52 29.78 -7.13
C ALA B 135 24.44 30.61 -5.84
N ASP B 136 23.26 31.22 -5.58
CA ASP B 136 23.00 32.01 -4.38
C ASP B 136 22.83 31.18 -3.13
N LEU B 137 22.17 30.00 -3.24
CA LEU B 137 21.87 29.19 -2.06
C LEU B 137 23.07 28.43 -1.48
N ARG B 138 24.12 28.17 -2.29
CA ARG B 138 25.34 27.49 -1.85
C ARG B 138 25.06 26.09 -1.21
N VAL B 139 24.20 25.30 -1.88
CA VAL B 139 23.85 23.95 -1.40
C VAL B 139 24.18 22.96 -2.49
N PRO B 140 24.38 21.67 -2.15
CA PRO B 140 24.60 20.69 -3.23
C PRO B 140 23.40 20.60 -4.17
N VAL B 141 23.65 20.25 -5.43
CA VAL B 141 22.63 20.12 -6.47
C VAL B 141 22.81 18.88 -7.34
N VAL B 142 21.71 18.13 -7.55
CA VAL B 142 21.73 17.00 -8.44
C VAL B 142 21.31 17.47 -9.82
N LEU B 143 22.16 17.22 -10.84
CA LEU B 143 21.86 17.50 -12.24
C LEU B 143 21.45 16.23 -12.94
N MET B 144 20.17 16.10 -13.23
CA MET B 144 19.64 14.89 -13.84
C MET B 144 19.45 15.02 -15.32
N HIS B 145 19.58 13.93 -16.08
CA HIS B 145 19.32 13.95 -17.51
C HIS B 145 17.88 13.59 -17.75
N MET B 146 17.25 14.33 -18.66
CA MET B 146 15.88 14.17 -19.09
C MET B 146 15.85 14.73 -20.53
N PRO B 147 15.21 14.05 -21.53
CA PRO B 147 15.18 14.64 -22.88
C PRO B 147 14.10 15.71 -23.02
N ALA B 156 8.92 7.51 -25.98
CA ALA B 156 10.33 7.58 -25.65
C ALA B 156 11.18 7.96 -26.88
N PRO B 157 12.10 8.93 -26.76
CA PRO B 157 12.92 9.32 -27.92
C PRO B 157 13.97 8.30 -28.29
N HIS B 158 14.32 8.23 -29.59
CA HIS B 158 15.34 7.33 -30.09
C HIS B 158 16.71 7.94 -29.87
N TYR B 159 17.66 7.13 -29.42
CA TYR B 159 19.04 7.55 -29.20
C TYR B 159 19.92 6.73 -30.12
N ASP B 160 20.88 7.38 -30.79
CA ASP B 160 21.85 6.68 -31.63
C ASP B 160 22.80 5.96 -30.68
N ASP B 161 23.15 6.63 -29.57
CA ASP B 161 24.04 6.14 -28.52
C ASP B 161 23.62 6.83 -27.21
N VAL B 162 22.68 6.19 -26.46
CA VAL B 162 22.12 6.72 -25.20
C VAL B 162 23.20 7.09 -24.17
N VAL B 163 24.27 6.29 -24.04
CA VAL B 163 25.37 6.55 -23.08
C VAL B 163 26.12 7.83 -23.43
N ALA B 164 26.53 7.96 -24.71
CA ALA B 164 27.26 9.13 -25.21
C ALA B 164 26.38 10.39 -25.09
N GLU B 165 25.11 10.30 -25.54
CA GLU B 165 24.13 11.39 -25.50
C GLU B 165 23.82 11.88 -24.08
N VAL B 166 23.66 10.94 -23.14
CA VAL B 166 23.40 11.26 -21.73
C VAL B 166 24.69 11.83 -21.13
N HIS B 167 25.86 11.29 -21.55
CA HIS B 167 27.15 11.78 -21.08
C HIS B 167 27.42 13.23 -21.60
N ARG B 168 27.00 13.51 -22.84
CA ARG B 168 27.19 14.83 -23.49
C ARG B 168 26.36 15.85 -22.74
N PHE B 169 25.04 15.59 -22.60
CA PHE B 169 24.10 16.44 -21.87
C PHE B 169 24.62 16.76 -20.48
N LEU B 170 25.06 15.74 -19.71
CA LEU B 170 25.57 15.96 -18.35
C LEU B 170 26.86 16.77 -18.32
N VAL B 171 27.71 16.66 -19.36
CA VAL B 171 28.95 17.43 -19.48
C VAL B 171 28.56 18.89 -19.74
N GLU B 172 27.63 19.12 -20.71
CA GLU B 172 27.04 20.42 -21.06
C GLU B 172 26.34 21.06 -19.85
N ARG B 173 25.70 20.24 -18.98
CA ARG B 173 25.04 20.77 -17.78
C ARG B 173 26.02 21.09 -16.68
N ILE B 174 27.11 20.29 -16.55
CA ILE B 174 28.13 20.59 -15.54
C ILE B 174 28.84 21.90 -16.00
N PHE B 175 28.94 22.07 -17.33
CA PHE B 175 29.54 23.22 -18.01
C PHE B 175 28.63 24.44 -17.79
N ALA B 176 27.32 24.29 -18.06
CA ALA B 176 26.34 25.37 -17.87
C ALA B 176 26.30 25.78 -16.41
N ALA B 177 26.23 24.82 -15.50
CA ALA B 177 26.25 25.05 -14.05
C ALA B 177 27.54 25.74 -13.63
N GLU B 178 28.71 25.23 -14.07
CA GLU B 178 30.02 25.81 -13.75
C GLU B 178 30.11 27.23 -14.27
N MET B 179 29.70 27.43 -15.55
CA MET B 179 29.69 28.75 -16.22
C MET B 179 28.83 29.75 -15.42
N ALA B 180 27.65 29.31 -14.90
CA ALA B 180 26.76 30.11 -14.06
C ALA B 180 27.29 30.44 -12.64
N GLY B 181 28.49 29.95 -12.27
CA GLY B 181 29.05 30.26 -10.97
C GLY B 181 28.87 29.25 -9.86
N ILE B 182 28.35 28.03 -10.20
CA ILE B 182 28.15 26.99 -9.19
C ILE B 182 29.43 26.17 -9.06
N ASP B 183 29.90 25.98 -7.81
CA ASP B 183 31.07 25.20 -7.44
C ASP B 183 30.91 23.75 -7.90
N LYS B 184 31.98 23.16 -8.41
CA LYS B 184 31.98 21.77 -8.89
C LYS B 184 31.84 20.77 -7.72
N ARG B 185 32.33 21.11 -6.52
CA ARG B 185 32.27 20.25 -5.34
C ARG B 185 30.86 20.08 -4.77
N ARG B 186 29.91 20.92 -5.25
CA ARG B 186 28.53 20.87 -4.80
C ARG B 186 27.66 20.16 -5.83
N LEU B 187 28.26 19.76 -6.96
CA LEU B 187 27.54 19.06 -8.03
C LEU B 187 27.46 17.55 -7.81
N LEU B 188 26.35 16.95 -8.27
CA LEU B 188 26.08 15.50 -8.34
C LEU B 188 25.42 15.36 -9.69
N ILE B 189 25.61 14.23 -10.35
CA ILE B 189 24.98 13.97 -11.64
C ILE B 189 24.14 12.71 -11.57
N ASP B 190 23.16 12.59 -12.47
CA ASP B 190 22.26 11.47 -12.45
C ASP B 190 21.82 11.21 -13.88
N PRO B 191 21.96 9.97 -14.39
CA PRO B 191 21.55 9.69 -15.78
C PRO B 191 20.07 9.70 -16.03
N GLY B 192 19.28 9.80 -14.96
CA GLY B 192 17.83 9.86 -15.07
C GLY B 192 17.19 8.60 -15.60
N PHE B 193 17.41 7.47 -14.90
CA PHE B 193 16.77 6.22 -15.31
C PHE B 193 15.26 6.39 -15.41
N GLY B 194 14.72 5.94 -16.53
CA GLY B 194 13.30 5.95 -16.83
C GLY B 194 12.76 7.22 -17.48
N PHE B 195 13.52 8.32 -17.44
CA PHE B 195 13.07 9.59 -18.02
C PHE B 195 13.39 9.65 -19.51
N GLY B 196 12.38 9.32 -20.32
CA GLY B 196 12.50 9.27 -21.77
C GLY B 196 13.52 8.24 -22.22
N LYS B 197 13.48 7.06 -21.60
CA LYS B 197 14.40 5.96 -21.88
C LYS B 197 13.66 4.64 -21.85
N SER B 198 13.93 3.78 -22.82
CA SER B 198 13.34 2.45 -22.90
C SER B 198 14.07 1.55 -21.87
N THR B 199 13.57 0.34 -21.65
CA THR B 199 14.22 -0.63 -20.77
C THR B 199 15.66 -0.88 -21.27
N ALA B 200 15.84 -1.08 -22.60
CA ALA B 200 17.15 -1.30 -23.20
C ALA B 200 18.11 -0.14 -22.93
N ASP B 201 17.64 1.13 -23.02
CA ASP B 201 18.48 2.31 -22.77
C ASP B 201 18.90 2.36 -21.31
N ASN B 202 17.96 2.03 -20.40
CA ASN B 202 18.21 2.01 -18.95
C ASN B 202 19.28 0.97 -18.62
N VAL B 203 19.16 -0.24 -19.20
CA VAL B 203 20.12 -1.33 -19.01
C VAL B 203 21.50 -0.90 -19.53
N GLN B 204 21.54 -0.24 -20.71
CA GLN B 204 22.79 0.29 -21.29
C GLN B 204 23.45 1.29 -20.35
N LEU B 205 22.66 2.24 -19.81
CA LEU B 205 23.19 3.25 -18.90
C LEU B 205 23.71 2.68 -17.61
N LEU B 206 23.04 1.64 -17.09
CA LEU B 206 23.46 0.97 -15.85
C LEU B 206 24.73 0.17 -16.12
N ALA B 207 24.77 -0.58 -17.22
CA ALA B 207 25.96 -1.36 -17.57
C ALA B 207 27.17 -0.46 -17.77
N HIS B 208 26.98 0.72 -18.41
CA HIS B 208 28.05 1.68 -18.69
C HIS B 208 28.16 2.82 -17.68
N LEU B 209 27.55 2.67 -16.49
CA LEU B 209 27.63 3.65 -15.42
C LEU B 209 29.08 4.07 -15.05
N PRO B 210 30.11 3.18 -15.07
CA PRO B 210 31.47 3.64 -14.73
C PRO B 210 31.96 4.79 -15.62
N ARG B 211 31.50 4.87 -16.89
CA ARG B 211 31.87 5.92 -17.85
C ARG B 211 31.40 7.31 -17.38
N LEU B 212 30.24 7.37 -16.68
CA LEU B 212 29.69 8.61 -16.15
C LEU B 212 30.42 9.00 -14.86
N CYS B 213 30.99 8.02 -14.15
CA CYS B 213 31.71 8.24 -12.90
C CYS B 213 33.07 8.90 -13.10
N GLU B 214 33.52 8.98 -14.38
CA GLU B 214 34.81 9.58 -14.76
C GLU B 214 34.74 11.11 -14.95
N LEU B 215 33.60 11.75 -14.61
CA LEU B 215 33.42 13.19 -14.77
C LEU B 215 33.82 13.98 -13.52
N GLY B 216 34.37 13.27 -12.52
CA GLY B 216 34.86 13.86 -11.29
C GLY B 216 33.80 14.32 -10.30
N VAL B 217 32.54 13.90 -10.53
CA VAL B 217 31.43 14.29 -9.65
C VAL B 217 30.66 13.05 -9.19
N PRO B 218 30.17 12.99 -7.94
CA PRO B 218 29.39 11.82 -7.50
C PRO B 218 28.16 11.57 -8.38
N VAL B 219 27.83 10.28 -8.60
CA VAL B 219 26.71 9.86 -9.44
C VAL B 219 25.59 9.33 -8.55
N LEU B 220 24.34 9.73 -8.88
CA LEU B 220 23.12 9.29 -8.21
C LEU B 220 22.39 8.39 -9.18
N ALA B 221 21.92 7.23 -8.69
CA ALA B 221 21.15 6.32 -9.54
C ALA B 221 19.81 6.11 -8.84
N GLY B 222 18.75 6.21 -9.58
CA GLY B 222 17.40 6.01 -9.06
C GLY B 222 16.64 5.10 -9.97
N LEU B 223 16.56 3.82 -9.61
CA LEU B 223 15.87 2.84 -10.43
C LEU B 223 14.69 2.26 -9.68
N SER B 224 14.37 2.84 -8.52
CA SER B 224 13.39 2.31 -7.56
C SER B 224 11.96 2.11 -8.07
N ARG B 225 11.53 0.82 -8.12
CA ARG B 225 10.20 0.36 -8.52
C ARG B 225 9.76 0.89 -9.90
N LYS B 226 10.72 1.26 -10.71
CA LYS B 226 10.48 1.83 -12.04
C LYS B 226 9.97 0.82 -13.04
N ARG B 227 9.28 1.30 -14.09
CA ARG B 227 8.71 0.45 -15.15
C ARG B 227 9.74 -0.49 -15.76
N SER B 228 10.98 -0.01 -16.03
CA SER B 228 12.04 -0.84 -16.61
C SER B 228 12.34 -2.06 -15.73
N ILE B 229 12.33 -1.89 -14.38
CA ILE B 229 12.54 -3.02 -13.44
C ILE B 229 11.36 -3.98 -13.59
N GLY B 230 10.16 -3.44 -13.68
CA GLY B 230 8.94 -4.21 -13.89
C GLY B 230 8.99 -5.01 -15.17
N GLU B 231 9.49 -4.40 -16.27
CA GLU B 231 9.63 -5.07 -17.57
C GLU B 231 10.68 -6.21 -17.53
N LEU B 232 11.82 -5.98 -16.87
CA LEU B 232 12.89 -6.97 -16.78
C LEU B 232 12.46 -8.21 -15.97
N THR B 233 11.64 -8.01 -14.93
CA THR B 233 11.24 -9.07 -14.00
C THR B 233 9.82 -9.60 -14.15
N GLY B 234 9.00 -8.94 -14.96
CA GLY B 234 7.60 -9.29 -15.16
C GLY B 234 6.74 -8.94 -13.96
N ARG B 235 7.09 -7.88 -13.22
CA ARG B 235 6.35 -7.45 -12.02
C ARG B 235 5.53 -6.21 -12.36
N GLU B 236 4.21 -6.38 -12.43
CA GLU B 236 3.24 -5.36 -12.84
C GLU B 236 3.07 -4.21 -11.87
N LEU B 237 2.91 -4.48 -10.57
CA LEU B 237 2.71 -3.44 -9.58
C LEU B 237 4.02 -2.95 -8.97
N PRO B 238 4.19 -1.62 -8.70
CA PRO B 238 5.47 -1.12 -8.12
C PRO B 238 5.94 -1.84 -6.86
N GLU B 239 5.01 -2.18 -5.96
CA GLU B 239 5.33 -2.85 -4.70
C GLU B 239 5.83 -4.29 -4.90
N GLN B 240 5.69 -4.85 -6.12
CA GLN B 240 6.16 -6.19 -6.51
C GLN B 240 7.60 -6.11 -7.04
N ARG B 241 8.13 -4.89 -7.21
CA ARG B 241 9.44 -4.70 -7.85
C ARG B 241 10.56 -4.46 -6.87
N VAL B 242 10.31 -4.73 -5.58
CA VAL B 242 11.31 -4.45 -4.56
C VAL B 242 12.61 -5.25 -4.80
N ALA B 243 12.52 -6.58 -4.98
CA ALA B 243 13.74 -7.37 -5.17
C ALA B 243 14.56 -6.95 -6.40
N GLY B 244 13.91 -6.71 -7.53
CA GLY B 244 14.60 -6.26 -8.74
C GLY B 244 15.23 -4.88 -8.56
N SER B 245 14.56 -3.99 -7.79
CA SER B 245 15.07 -2.65 -7.53
C SER B 245 16.30 -2.70 -6.64
N VAL B 246 16.26 -3.52 -5.57
CA VAL B 246 17.40 -3.67 -4.68
C VAL B 246 18.59 -4.21 -5.47
N ALA B 247 18.36 -5.21 -6.36
CA ALA B 247 19.43 -5.75 -7.19
C ALA B 247 20.00 -4.65 -8.09
N ALA B 248 19.12 -3.85 -8.75
CA ALA B 248 19.55 -2.74 -9.64
C ALA B 248 20.40 -1.73 -8.88
N HIS B 249 20.01 -1.39 -7.64
CA HIS B 249 20.76 -0.42 -6.84
C HIS B 249 22.10 -0.95 -6.38
N LEU B 250 22.16 -2.26 -6.05
CA LEU B 250 23.45 -2.88 -5.72
C LEU B 250 24.35 -2.86 -6.95
N LEU B 251 23.83 -3.20 -8.13
CA LEU B 251 24.63 -3.17 -9.36
C LEU B 251 25.13 -1.76 -9.65
N ALA B 252 24.28 -0.73 -9.41
CA ALA B 252 24.69 0.65 -9.61
C ALA B 252 25.83 1.03 -8.67
N ALA B 253 25.72 0.64 -7.39
CA ALA B 253 26.74 0.90 -6.38
C ALA B 253 28.06 0.21 -6.77
N GLN B 254 27.98 -1.04 -7.26
CA GLN B 254 29.18 -1.75 -7.72
C GLN B 254 29.82 -1.05 -8.91
N ARG B 255 28.99 -0.37 -9.73
CA ARG B 255 29.43 0.32 -10.94
C ARG B 255 29.75 1.81 -10.72
N GLY B 256 29.91 2.21 -9.46
CA GLY B 256 30.37 3.56 -9.13
C GLY B 256 29.39 4.56 -8.55
N ALA B 257 28.06 4.26 -8.54
CA ALA B 257 27.10 5.20 -7.97
C ALA B 257 27.36 5.40 -6.49
N LEU B 258 27.38 6.67 -6.01
CA LEU B 258 27.61 6.95 -4.59
C LEU B 258 26.34 7.35 -3.86
N LEU B 259 25.25 7.50 -4.59
CA LEU B 259 23.94 7.84 -4.00
C LEU B 259 22.89 7.02 -4.69
N LEU B 260 21.96 6.45 -3.90
CA LEU B 260 20.90 5.58 -4.43
C LEU B 260 19.57 6.09 -3.95
N ARG B 261 18.69 6.43 -4.90
CA ARG B 261 17.40 7.05 -4.59
C ARG B 261 16.35 5.93 -4.55
N VAL B 262 15.93 5.55 -3.34
CA VAL B 262 15.07 4.38 -3.18
C VAL B 262 13.83 4.57 -2.34
N HIS B 263 12.83 3.70 -2.56
CA HIS B 263 11.64 3.62 -1.72
C HIS B 263 11.94 2.60 -0.58
N ASP B 264 12.64 1.50 -0.93
CA ASP B 264 12.87 0.38 -0.01
C ASP B 264 14.19 0.51 0.71
N VAL B 265 14.18 1.39 1.70
CA VAL B 265 15.38 1.78 2.40
C VAL B 265 16.03 0.61 3.18
N ALA B 266 15.32 -0.03 4.11
CA ALA B 266 15.90 -1.12 4.93
C ALA B 266 16.48 -2.23 4.05
N ALA B 267 15.74 -2.61 2.97
CA ALA B 267 16.22 -3.68 2.09
C ALA B 267 17.50 -3.29 1.35
N THR B 268 17.56 -2.05 0.83
CA THR B 268 18.74 -1.55 0.11
C THR B 268 19.93 -1.45 1.08
N VAL B 269 19.70 -0.94 2.31
CA VAL B 269 20.78 -0.88 3.33
C VAL B 269 21.33 -2.31 3.59
N ASP B 270 20.43 -3.31 3.76
CA ASP B 270 20.89 -4.69 3.98
C ASP B 270 21.75 -5.22 2.85
N ALA B 271 21.31 -4.99 1.59
CA ALA B 271 22.07 -5.43 0.45
C ALA B 271 23.44 -4.77 0.39
N LEU B 272 23.49 -3.46 0.63
CA LEU B 272 24.77 -2.74 0.60
C LEU B 272 25.67 -3.19 1.75
N THR B 273 25.08 -3.53 2.91
CA THR B 273 25.84 -4.00 4.09
C THR B 273 26.56 -5.32 3.78
N VAL B 274 25.85 -6.28 3.14
CA VAL B 274 26.45 -7.57 2.76
C VAL B 274 27.57 -7.32 1.75
N TRP B 275 27.31 -6.51 0.72
CA TRP B 275 28.28 -6.19 -0.28
C TRP B 275 29.52 -5.51 0.31
N GLN B 276 29.33 -4.54 1.24
CA GLN B 276 30.46 -3.86 1.87
C GLN B 276 31.37 -4.86 2.61
N ALA B 277 30.78 -5.85 3.31
CA ALA B 277 31.54 -6.87 4.05
C ALA B 277 32.40 -7.70 3.09
N VAL B 278 31.84 -8.07 1.93
CA VAL B 278 32.50 -8.86 0.91
C VAL B 278 33.60 -8.07 0.23
N GLN B 279 33.30 -6.84 -0.19
CA GLN B 279 34.24 -5.94 -0.88
C GLN B 279 35.44 -5.59 0.01
N ALA B 280 35.26 -5.59 1.34
CA ALA B 280 36.31 -5.29 2.34
C ALA B 280 37.39 -6.38 2.44
N VAL B 281 37.15 -7.57 1.85
CA VAL B 281 38.13 -8.66 1.89
C VAL B 281 39.24 -8.41 0.86
N PRO B 282 40.52 -8.33 1.30
CA PRO B 282 41.61 -8.12 0.33
C PRO B 282 41.92 -9.36 -0.50
N PHE C 2 -40.76 17.15 -4.06
CA PHE C 2 -40.92 17.86 -5.33
C PHE C 2 -41.57 16.94 -6.38
N ASP C 3 -42.67 17.41 -6.99
CA ASP C 3 -43.37 16.68 -8.05
C ASP C 3 -42.44 16.66 -9.27
N THR C 4 -41.83 17.81 -9.58
CA THR C 4 -40.86 17.98 -10.66
C THR C 4 -39.54 18.31 -9.95
N SER C 5 -38.45 17.63 -10.30
CA SER C 5 -37.15 17.89 -9.68
C SER C 5 -36.66 19.30 -10.00
N PRO C 6 -36.04 20.02 -9.01
CA PRO C 6 -35.51 21.36 -9.29
C PRO C 6 -34.51 21.36 -10.46
N ARG C 7 -34.71 22.29 -11.38
CA ARG C 7 -33.91 22.43 -12.58
C ARG C 7 -33.37 23.85 -12.57
N LEU C 8 -32.09 23.99 -12.19
CA LEU C 8 -31.48 25.30 -12.05
C LEU C 8 -30.72 25.68 -13.29
N ASP C 9 -31.13 26.77 -13.93
CA ASP C 9 -30.46 27.25 -15.13
C ASP C 9 -29.38 28.23 -14.64
N CYS C 10 -28.13 27.75 -14.62
CA CYS C 10 -26.99 28.55 -14.17
C CYS C 10 -26.31 29.20 -15.36
N ALA C 11 -26.92 30.29 -15.88
CA ALA C 11 -26.45 31.03 -17.06
C ALA C 11 -26.21 30.10 -18.26
N GLY C 12 -27.19 29.22 -18.51
CA GLY C 12 -27.12 28.28 -19.64
C GLY C 12 -26.59 26.91 -19.29
N ARG C 13 -25.95 26.78 -18.10
CA ARG C 13 -25.44 25.50 -17.63
C ARG C 13 -26.41 24.91 -16.63
N ILE C 14 -27.05 23.80 -16.98
CA ILE C 14 -28.14 23.23 -16.18
C ILE C 14 -27.68 22.32 -15.05
N LEU C 15 -28.19 22.62 -13.84
CA LEU C 15 -27.93 21.81 -12.65
C LEU C 15 -29.27 21.17 -12.29
N THR C 16 -29.41 19.87 -12.51
CA THR C 16 -30.66 19.14 -12.24
C THR C 16 -30.56 18.43 -10.90
N LEU C 17 -31.46 18.78 -9.99
CA LEU C 17 -31.45 18.19 -8.65
C LEU C 17 -32.44 17.04 -8.53
N ASP C 18 -32.31 16.08 -9.45
CA ASP C 18 -33.10 14.84 -9.47
C ASP C 18 -32.52 13.83 -8.48
N ARG C 19 -31.29 14.09 -8.02
CA ARG C 19 -30.58 13.31 -7.01
C ARG C 19 -29.60 14.28 -6.32
N PRO C 20 -29.06 13.97 -5.11
CA PRO C 20 -28.09 14.90 -4.51
C PRO C 20 -26.88 15.13 -5.42
N ARG C 21 -26.52 16.40 -5.59
CA ARG C 21 -25.42 16.83 -6.45
C ARG C 21 -24.29 17.37 -5.62
N VAL C 22 -23.09 17.36 -6.19
CA VAL C 22 -21.88 17.75 -5.48
C VAL C 22 -21.32 19.08 -5.97
N MET C 23 -21.17 20.02 -5.03
CA MET C 23 -20.62 21.37 -5.29
C MET C 23 -19.18 21.37 -4.78
N GLY C 24 -18.23 21.43 -5.69
CA GLY C 24 -16.82 21.40 -5.36
C GLY C 24 -16.32 22.77 -4.93
N ILE C 25 -15.62 22.83 -3.79
CA ILE C 25 -15.09 24.07 -3.21
C ILE C 25 -13.80 24.50 -3.90
N VAL C 26 -13.81 25.72 -4.49
CA VAL C 26 -12.61 26.28 -5.13
C VAL C 26 -12.29 27.60 -4.44
N ASN C 27 -11.42 27.56 -3.43
CA ASN C 27 -11.03 28.77 -2.71
C ASN C 27 -9.89 29.52 -3.40
N VAL C 28 -10.04 30.82 -3.61
CA VAL C 28 -9.05 31.67 -4.28
C VAL C 28 -8.54 32.71 -3.26
N THR C 29 -8.20 32.29 -2.05
CA THR C 29 -7.72 33.30 -1.10
C THR C 29 -6.24 33.10 -0.89
N PRO C 30 -5.42 34.15 -1.09
CA PRO C 30 -3.97 33.99 -0.86
C PRO C 30 -3.67 33.64 0.60
N ASP C 31 -2.79 32.66 0.82
CA ASP C 31 -2.34 32.21 2.15
C ASP C 31 -0.82 32.40 2.29
N SER C 32 -0.18 31.78 3.31
CA SER C 32 1.26 31.87 3.55
C SER C 32 2.13 31.38 2.37
N PHE C 33 1.55 30.58 1.44
CA PHE C 33 2.24 30.04 0.26
C PHE C 33 1.92 30.81 -1.01
N THR C 38 -3.03 37.94 -6.63
CA THR C 38 -2.07 36.84 -6.59
C THR C 38 -2.19 35.91 -7.79
N HIS C 39 -1.31 36.11 -8.77
CA HIS C 39 -1.26 35.33 -10.01
C HIS C 39 -1.06 33.83 -9.82
N THR C 40 -0.26 33.45 -8.81
CA THR C 40 0.01 32.03 -8.52
C THR C 40 -1.22 31.42 -7.85
N THR C 41 -1.95 32.25 -7.09
CA THR C 41 -3.18 31.82 -6.41
C THR C 41 -4.23 31.50 -7.46
N VAL C 42 -4.35 32.35 -8.50
CA VAL C 42 -5.30 32.13 -9.60
C VAL C 42 -5.00 30.80 -10.32
N GLU C 43 -3.72 30.60 -10.69
CA GLU C 43 -3.27 29.38 -11.38
C GLU C 43 -3.60 28.13 -10.55
N ALA C 44 -3.33 28.16 -9.24
CA ALA C 44 -3.59 27.02 -8.35
C ALA C 44 -5.09 26.74 -8.22
N ALA C 45 -5.92 27.80 -8.15
CA ALA C 45 -7.38 27.64 -8.03
C ALA C 45 -7.96 27.04 -9.30
N VAL C 46 -7.49 27.49 -10.47
CA VAL C 46 -7.98 26.96 -11.74
C VAL C 46 -7.63 25.46 -11.85
N ALA C 47 -6.37 25.09 -11.56
CA ALA C 47 -5.95 23.68 -11.60
C ALA C 47 -6.81 22.85 -10.63
N HIS C 48 -7.11 23.41 -9.46
CA HIS C 48 -7.93 22.71 -8.47
C HIS C 48 -9.36 22.51 -8.95
N GLY C 49 -9.97 23.55 -9.55
CA GLY C 49 -11.31 23.43 -10.12
C GLY C 49 -11.36 22.40 -11.24
N LEU C 50 -10.30 22.34 -12.07
CA LEU C 50 -10.25 21.32 -13.14
C LEU C 50 -10.18 19.90 -12.55
N ARG C 51 -9.42 19.74 -11.46
CA ARG C 51 -9.30 18.45 -10.76
C ARG C 51 -10.65 18.03 -10.18
N LEU C 52 -11.37 18.96 -9.55
CA LEU C 52 -12.71 18.67 -9.01
C LEU C 52 -13.71 18.30 -10.10
N ALA C 53 -13.64 18.97 -11.26
CA ALA C 53 -14.51 18.60 -12.41
C ALA C 53 -14.18 17.15 -12.83
N GLU C 54 -12.87 16.80 -12.93
CA GLU C 54 -12.44 15.44 -13.28
C GLU C 54 -12.96 14.42 -12.26
N GLU C 55 -13.05 14.82 -10.98
CA GLU C 55 -13.54 13.96 -9.88
C GLU C 55 -15.05 13.77 -9.87
N GLY C 56 -15.77 14.49 -10.72
CA GLY C 56 -17.21 14.32 -10.84
C GLY C 56 -18.07 15.35 -10.14
N ALA C 57 -17.51 16.56 -9.86
CA ALA C 57 -18.31 17.64 -9.28
C ALA C 57 -19.43 18.00 -10.24
N ASP C 58 -20.61 18.40 -9.73
CA ASP C 58 -21.71 18.84 -10.57
C ASP C 58 -21.71 20.34 -10.74
N LEU C 59 -20.93 21.06 -9.88
CA LEU C 59 -20.91 22.52 -9.86
C LEU C 59 -19.65 22.88 -9.07
N LEU C 60 -19.04 24.03 -9.41
CA LEU C 60 -17.87 24.52 -8.68
C LEU C 60 -18.24 25.83 -8.00
N ASP C 61 -17.84 26.00 -6.73
CA ASP C 61 -18.13 27.21 -5.98
C ASP C 61 -16.83 27.96 -5.78
N ILE C 62 -16.70 29.11 -6.43
CA ILE C 62 -15.45 29.91 -6.46
C ILE C 62 -15.58 31.07 -5.50
N GLY C 63 -14.69 31.13 -4.52
CA GLY C 63 -14.74 32.17 -3.52
C GLY C 63 -13.40 32.82 -3.28
N GLY C 64 -13.39 34.16 -3.19
CA GLY C 64 -12.18 34.96 -2.97
C GLY C 64 -12.14 35.65 -1.63
N GLU C 65 -13.09 35.33 -0.72
CA GLU C 65 -13.09 35.96 0.60
C GLU C 65 -13.40 34.96 1.71
N SER C 66 -12.57 34.93 2.77
CA SER C 66 -12.75 34.06 3.93
C SER C 66 -14.12 34.28 4.58
N THR C 67 -14.84 33.18 4.88
CA THR C 67 -16.18 33.18 5.46
C THR C 67 -16.16 32.63 6.90
N ALA C 73 -12.20 42.05 6.22
CA ALA C 73 -13.13 42.25 5.10
C ALA C 73 -12.43 42.93 3.92
N VAL C 74 -12.35 42.21 2.80
CA VAL C 74 -11.64 42.67 1.62
C VAL C 74 -12.49 43.60 0.73
N PRO C 75 -11.87 44.66 0.17
CA PRO C 75 -12.61 45.55 -0.73
C PRO C 75 -13.03 44.80 -2.01
N VAL C 76 -14.17 45.21 -2.61
CA VAL C 76 -14.72 44.60 -3.82
C VAL C 76 -13.64 44.41 -4.89
N GLU C 77 -12.82 45.45 -5.17
CA GLU C 77 -11.77 45.38 -6.21
C GLU C 77 -10.77 44.24 -5.96
N GLU C 78 -10.41 43.96 -4.70
CA GLU C 78 -9.51 42.86 -4.36
C GLU C 78 -10.23 41.50 -4.57
N GLU C 79 -11.53 41.42 -4.15
CA GLU C 79 -12.27 40.17 -4.36
C GLU C 79 -12.42 39.90 -5.87
N LEU C 80 -12.61 40.95 -6.69
CA LEU C 80 -12.69 40.78 -8.15
C LEU C 80 -11.36 40.32 -8.75
N ARG C 81 -10.25 40.87 -8.26
CA ARG C 81 -8.90 40.51 -8.72
C ARG C 81 -8.65 38.99 -8.52
N ARG C 82 -9.26 38.44 -7.47
CA ARG C 82 -9.13 37.01 -7.17
C ARG C 82 -10.10 36.12 -7.97
N VAL C 83 -11.41 36.43 -7.93
CA VAL C 83 -12.39 35.51 -8.52
C VAL C 83 -12.55 35.63 -10.01
N ILE C 84 -12.49 36.87 -10.57
CA ILE C 84 -12.79 37.01 -12.00
C ILE C 84 -11.86 36.19 -12.87
N PRO C 85 -10.51 36.25 -12.73
CA PRO C 85 -9.66 35.43 -13.61
C PRO C 85 -9.95 33.92 -13.47
N VAL C 86 -10.29 33.47 -12.25
CA VAL C 86 -10.62 32.04 -12.02
C VAL C 86 -11.92 31.66 -12.76
N ILE C 87 -12.97 32.50 -12.64
CA ILE C 87 -14.23 32.25 -13.34
C ILE C 87 -13.99 32.27 -14.86
N GLU C 88 -13.27 33.26 -15.37
CA GLU C 88 -13.04 33.36 -16.83
C GLU C 88 -12.31 32.11 -17.35
N ARG C 89 -11.30 31.62 -16.61
CA ARG C 89 -10.57 30.42 -17.02
C ARG C 89 -11.42 29.15 -16.90
N LEU C 90 -12.16 29.00 -15.78
CA LEU C 90 -12.98 27.81 -15.61
C LEU C 90 -14.19 27.76 -16.54
N VAL C 91 -14.82 28.91 -16.89
CA VAL C 91 -15.95 28.90 -17.82
C VAL C 91 -15.48 28.45 -19.22
N ALA C 92 -14.24 28.75 -19.58
CA ALA C 92 -13.66 28.35 -20.86
C ALA C 92 -13.16 26.91 -20.87
N GLN C 93 -12.75 26.36 -19.69
CA GLN C 93 -12.12 25.05 -19.63
C GLN C 93 -12.97 23.92 -19.03
N THR C 94 -14.17 24.24 -18.55
CA THR C 94 -15.09 23.23 -18.02
C THR C 94 -16.47 23.51 -18.60
N ALA C 95 -17.34 22.50 -18.60
CA ALA C 95 -18.72 22.68 -19.03
C ALA C 95 -19.63 22.74 -17.78
N LEU C 96 -19.03 22.78 -16.57
CA LEU C 96 -19.80 22.79 -15.33
C LEU C 96 -20.43 24.13 -14.96
N PRO C 97 -21.60 24.13 -14.30
CA PRO C 97 -22.15 25.37 -13.75
C PRO C 97 -21.15 25.88 -12.71
N LEU C 98 -21.05 27.20 -12.58
CA LEU C 98 -20.11 27.86 -11.68
C LEU C 98 -20.86 28.79 -10.78
N SER C 99 -20.57 28.68 -9.47
N SER C 99 -20.61 28.68 -9.46
CA SER C 99 -21.15 29.52 -8.43
CA SER C 99 -21.21 29.62 -8.52
C SER C 99 -20.07 30.48 -7.93
C SER C 99 -20.11 30.49 -7.96
N VAL C 100 -20.48 31.70 -7.53
CA VAL C 100 -19.55 32.66 -6.95
C VAL C 100 -19.97 32.82 -5.49
N ASP C 101 -19.03 32.62 -4.62
CA ASP C 101 -19.25 32.69 -3.18
C ASP C 101 -18.92 34.10 -2.74
N THR C 102 -19.95 34.95 -2.67
CA THR C 102 -19.78 36.34 -2.30
C THR C 102 -21.04 36.90 -1.68
N PHE C 103 -20.91 37.94 -0.82
CA PHE C 103 -22.06 38.62 -0.27
C PHE C 103 -22.12 40.05 -0.82
N LYS C 104 -21.19 40.43 -1.72
CA LYS C 104 -21.15 41.79 -2.26
C LYS C 104 -21.84 41.96 -3.60
N PRO C 105 -22.87 42.86 -3.71
CA PRO C 105 -23.64 42.94 -4.96
C PRO C 105 -22.78 43.26 -6.17
N GLU C 106 -21.77 44.14 -6.00
CA GLU C 106 -20.92 44.47 -7.15
C GLU C 106 -20.08 43.29 -7.60
N VAL C 107 -19.72 42.37 -6.69
CA VAL C 107 -19.01 41.13 -7.07
C VAL C 107 -19.99 40.20 -7.75
N MET C 108 -21.26 40.14 -7.25
CA MET C 108 -22.24 39.26 -7.90
C MET C 108 -22.43 39.68 -9.36
N ARG C 109 -22.62 40.98 -9.62
CA ARG C 109 -22.82 41.48 -10.98
C ARG C 109 -21.60 41.21 -11.87
N ALA C 110 -20.40 41.56 -11.39
CA ALA C 110 -19.16 41.37 -12.18
C ALA C 110 -18.87 39.88 -12.44
N ALA C 111 -19.14 39.03 -11.44
CA ALA C 111 -18.89 37.59 -11.59
C ALA C 111 -19.84 36.96 -12.62
N VAL C 112 -21.14 37.35 -12.60
CA VAL C 112 -22.09 36.84 -13.59
C VAL C 112 -21.69 37.33 -14.99
N ALA C 113 -21.25 38.59 -15.12
CA ALA C 113 -20.80 39.12 -16.43
C ALA C 113 -19.57 38.32 -16.91
N ALA C 114 -18.73 37.81 -15.98
CA ALA C 114 -17.52 37.00 -16.30
C ALA C 114 -17.82 35.52 -16.61
N GLY C 115 -19.06 35.06 -16.31
CA GLY C 115 -19.47 33.70 -16.61
C GLY C 115 -20.01 32.88 -15.45
N ALA C 116 -20.08 33.44 -14.23
CA ALA C 116 -20.69 32.70 -13.09
C ALA C 116 -22.18 32.57 -13.36
N GLY C 117 -22.73 31.46 -12.91
CA GLY C 117 -24.15 31.19 -13.15
C GLY C 117 -24.98 31.00 -11.91
N MET C 118 -24.40 31.26 -10.72
CA MET C 118 -25.12 31.10 -9.47
C MET C 118 -24.36 31.92 -8.43
N ILE C 119 -25.09 32.45 -7.47
N ILE C 119 -25.08 32.46 -7.46
CA ILE C 119 -24.56 33.21 -6.35
CA ILE C 119 -24.50 33.26 -6.37
C ILE C 119 -24.71 32.32 -5.12
C ILE C 119 -24.73 32.49 -5.08
N ASN C 120 -23.65 32.20 -4.35
CA ASN C 120 -23.69 31.50 -3.09
C ASN C 120 -23.44 32.57 -2.04
N ASP C 121 -24.52 33.04 -1.35
CA ASP C 121 -24.41 34.16 -0.43
C ASP C 121 -24.56 33.76 1.05
N VAL C 122 -23.45 33.84 1.78
CA VAL C 122 -23.41 33.56 3.22
C VAL C 122 -24.29 34.53 4.02
N GLN C 123 -24.56 35.73 3.46
CA GLN C 123 -25.38 36.76 4.09
C GLN C 123 -26.85 36.73 3.69
N ALA C 124 -27.25 35.74 2.85
CA ALA C 124 -28.64 35.56 2.42
C ALA C 124 -29.28 36.87 1.89
N LEU C 125 -28.52 37.58 1.04
CA LEU C 125 -28.90 38.83 0.37
C LEU C 125 -29.21 39.98 1.33
N ARG C 126 -28.57 39.97 2.52
CA ARG C 126 -28.79 41.05 3.48
C ARG C 126 -27.91 42.29 3.25
N GLN C 127 -26.85 42.15 2.45
CA GLN C 127 -25.99 43.30 2.13
C GLN C 127 -26.82 44.30 1.28
N PRO C 128 -26.72 45.60 1.61
CA PRO C 128 -27.49 46.61 0.84
C PRO C 128 -27.25 46.50 -0.67
N GLY C 129 -28.32 46.29 -1.42
CA GLY C 129 -28.28 46.13 -2.89
C GLY C 129 -28.28 44.71 -3.40
N ALA C 130 -28.05 43.72 -2.49
CA ALA C 130 -27.96 42.32 -2.92
C ALA C 130 -29.25 41.79 -3.51
N LEU C 131 -30.42 42.15 -2.90
CA LEU C 131 -31.71 41.69 -3.41
C LEU C 131 -31.92 42.20 -4.82
N ASP C 132 -31.71 43.52 -5.04
CA ASP C 132 -31.82 44.13 -6.36
C ASP C 132 -30.88 43.49 -7.39
N ALA C 133 -29.61 43.28 -7.02
CA ALA C 133 -28.66 42.63 -7.94
C ALA C 133 -29.15 41.24 -8.36
N VAL C 134 -29.49 40.37 -7.39
CA VAL C 134 -29.90 39.01 -7.78
C VAL C 134 -31.19 39.04 -8.59
N ALA C 135 -32.16 39.94 -8.23
CA ALA C 135 -33.39 40.06 -9.01
C ALA C 135 -33.08 40.43 -10.45
N ASP C 136 -32.12 41.34 -10.69
CA ASP C 136 -31.72 41.77 -12.03
C ASP C 136 -30.99 40.69 -12.79
N LEU C 137 -30.11 39.92 -12.09
CA LEU C 137 -29.26 38.93 -12.74
C LEU C 137 -29.97 37.65 -13.19
N ARG C 138 -31.09 37.31 -12.54
CA ARG C 138 -31.88 36.12 -12.88
C ARG C 138 -31.04 34.83 -12.90
N VAL C 139 -30.16 34.68 -11.88
CA VAL C 139 -29.37 33.47 -11.69
C VAL C 139 -29.82 32.83 -10.37
N PRO C 140 -29.60 31.52 -10.18
CA PRO C 140 -29.95 30.90 -8.88
C PRO C 140 -29.12 31.51 -7.75
N VAL C 141 -29.64 31.43 -6.54
CA VAL C 141 -28.96 32.01 -5.38
C VAL C 141 -29.16 31.11 -4.17
N VAL C 142 -28.09 30.94 -3.39
CA VAL C 142 -28.13 30.20 -2.14
C VAL C 142 -28.30 31.21 -1.01
N LEU C 143 -29.33 30.99 -0.16
CA LEU C 143 -29.58 31.81 0.98
C LEU C 143 -29.16 31.01 2.22
N MET C 144 -28.08 31.43 2.87
CA MET C 144 -27.55 30.71 4.01
C MET C 144 -27.91 31.36 5.32
N HIS C 145 -28.02 30.58 6.40
CA HIS C 145 -28.24 31.13 7.72
C HIS C 145 -26.92 31.37 8.39
N MET C 146 -26.79 32.59 8.94
CA MET C 146 -25.64 33.03 9.71
C MET C 146 -26.21 34.02 10.72
N PRO C 147 -25.93 33.89 12.05
CA PRO C 147 -26.40 34.92 13.00
C PRO C 147 -25.54 36.19 12.76
N GLY C 148 -26.19 37.36 12.53
CA GLY C 148 -25.52 38.63 12.19
C GLY C 148 -24.51 38.47 11.00
N ASP C 149 -23.28 39.04 11.09
CA ASP C 149 -22.29 38.96 10.00
C ASP C 149 -20.89 38.59 10.50
N ALA C 156 -20.15 31.36 19.12
CA ALA C 156 -21.42 30.73 18.77
C ALA C 156 -22.53 31.12 19.75
N PRO C 157 -23.61 31.80 19.27
CA PRO C 157 -24.65 32.22 20.20
C PRO C 157 -25.54 31.09 20.70
N HIS C 158 -26.29 31.34 21.78
CA HIS C 158 -27.20 30.35 22.33
C HIS C 158 -28.53 30.44 21.58
N TYR C 159 -29.10 29.27 21.26
CA TYR C 159 -30.39 29.18 20.60
C TYR C 159 -31.33 28.42 21.53
N ASP C 160 -32.56 28.91 21.69
CA ASP C 160 -33.58 28.22 22.49
C ASP C 160 -33.99 26.98 21.69
N ASP C 161 -34.11 27.14 20.35
CA ASP C 161 -34.50 26.10 19.41
C ASP C 161 -33.83 26.47 18.06
N VAL C 162 -32.59 25.97 17.84
CA VAL C 162 -31.82 26.31 16.64
C VAL C 162 -32.59 25.95 15.35
N VAL C 163 -33.27 24.78 15.34
CA VAL C 163 -34.00 24.33 14.14
C VAL C 163 -35.12 25.32 13.83
N ALA C 164 -35.90 25.72 14.86
CA ALA C 164 -37.00 26.68 14.67
C ALA C 164 -36.48 28.05 14.25
N GLU C 165 -35.35 28.50 14.81
CA GLU C 165 -34.74 29.80 14.50
C GLU C 165 -34.17 29.85 13.09
N VAL C 166 -33.51 28.77 12.68
CA VAL C 166 -32.96 28.72 11.31
C VAL C 166 -34.11 28.68 10.32
N HIS C 167 -35.13 27.86 10.61
CA HIS C 167 -36.34 27.76 9.77
C HIS C 167 -36.98 29.14 9.59
N ARG C 168 -37.19 29.88 10.71
CA ARG C 168 -37.83 31.20 10.71
C ARG C 168 -37.00 32.19 9.85
N PHE C 169 -35.67 32.19 10.05
CA PHE C 169 -34.77 33.05 9.27
C PHE C 169 -34.89 32.76 7.77
N LEU C 170 -34.84 31.48 7.39
CA LEU C 170 -34.89 31.10 5.97
C LEU C 170 -36.22 31.43 5.34
N VAL C 171 -37.36 31.29 6.07
CA VAL C 171 -38.67 31.69 5.57
C VAL C 171 -38.63 33.22 5.24
N GLU C 172 -38.10 34.03 6.16
CA GLU C 172 -37.97 35.49 6.01
C GLU C 172 -37.14 35.85 4.78
N ARG C 173 -36.01 35.13 4.58
CA ARG C 173 -35.14 35.43 3.42
C ARG C 173 -35.75 34.99 2.11
N ILE C 174 -36.44 33.80 2.11
CA ILE C 174 -37.11 33.34 0.88
C ILE C 174 -38.14 34.41 0.48
N PHE C 175 -38.92 34.86 1.46
CA PHE C 175 -39.99 35.84 1.25
C PHE C 175 -39.46 37.17 0.75
N ALA C 176 -38.40 37.68 1.39
CA ALA C 176 -37.69 38.91 0.99
C ALA C 176 -37.21 38.79 -0.44
N ALA C 177 -36.64 37.63 -0.81
CA ALA C 177 -36.17 37.40 -2.17
C ALA C 177 -37.33 37.38 -3.17
N GLU C 178 -38.44 36.68 -2.83
CA GLU C 178 -39.61 36.63 -3.73
C GLU C 178 -40.20 38.03 -3.93
N MET C 179 -40.27 38.83 -2.87
CA MET C 179 -40.82 40.19 -2.93
C MET C 179 -39.93 41.16 -3.72
N ALA C 180 -38.61 40.83 -3.83
CA ALA C 180 -37.69 41.63 -4.61
C ALA C 180 -37.76 41.24 -6.08
N GLY C 181 -38.55 40.23 -6.41
CA GLY C 181 -38.71 39.76 -7.79
C GLY C 181 -37.81 38.60 -8.15
N ILE C 182 -37.24 37.87 -7.14
CA ILE C 182 -36.41 36.71 -7.47
C ILE C 182 -37.37 35.52 -7.52
N ASP C 183 -37.45 34.80 -8.64
CA ASP C 183 -38.34 33.66 -8.77
C ASP C 183 -38.01 32.59 -7.72
N LYS C 184 -39.02 32.05 -7.03
CA LYS C 184 -38.83 31.01 -6.03
C LYS C 184 -38.08 29.79 -6.58
N ARG C 185 -38.22 29.50 -7.91
CA ARG C 185 -37.55 28.39 -8.57
C ARG C 185 -36.04 28.55 -8.68
N ARG C 186 -35.54 29.76 -8.41
CA ARG C 186 -34.10 30.05 -8.49
C ARG C 186 -33.47 30.04 -7.10
N LEU C 187 -34.23 29.74 -6.06
CA LEU C 187 -33.65 29.75 -4.71
C LEU C 187 -33.17 28.40 -4.24
N LEU C 188 -32.21 28.48 -3.31
CA LEU C 188 -31.71 27.34 -2.57
C LEU C 188 -31.53 27.88 -1.18
N ILE C 189 -31.67 27.02 -0.17
CA ILE C 189 -31.44 27.44 1.21
C ILE C 189 -30.37 26.57 1.83
N ASP C 190 -29.71 27.07 2.87
CA ASP C 190 -28.66 26.34 3.48
C ASP C 190 -28.67 26.73 4.98
N PRO C 191 -28.72 25.73 5.89
CA PRO C 191 -28.74 26.07 7.33
C PRO C 191 -27.47 26.67 7.87
N GLY C 192 -26.40 26.69 7.07
CA GLY C 192 -25.14 27.27 7.47
C GLY C 192 -24.46 26.51 8.58
N PHE C 193 -24.14 25.23 8.34
CA PHE C 193 -23.43 24.46 9.37
C PHE C 193 -22.09 25.17 9.70
N GLY C 194 -21.79 25.28 10.99
CA GLY C 194 -20.56 25.91 11.44
C GLY C 194 -20.55 27.42 11.57
N PHE C 195 -21.63 28.12 11.12
CA PHE C 195 -21.72 29.58 11.19
C PHE C 195 -22.53 29.99 12.41
N GLY C 196 -21.82 30.33 13.48
CA GLY C 196 -22.42 30.70 14.76
C GLY C 196 -23.23 29.57 15.34
N LYS C 197 -22.68 28.34 15.29
CA LYS C 197 -23.37 27.14 15.80
C LYS C 197 -22.39 26.22 16.48
N SER C 198 -22.75 25.72 17.66
CA SER C 198 -21.93 24.77 18.40
C SER C 198 -22.04 23.41 17.70
N THR C 199 -21.23 22.42 18.13
CA THR C 199 -21.32 21.06 17.60
C THR C 199 -22.72 20.51 17.82
N ALA C 200 -23.26 20.66 19.06
CA ALA C 200 -24.64 20.23 19.37
C ALA C 200 -25.69 20.88 18.44
N ASP C 201 -25.57 22.20 18.15
CA ASP C 201 -26.50 22.89 17.26
C ASP C 201 -26.38 22.31 15.84
N ASN C 202 -25.15 22.05 15.35
CA ASN C 202 -24.97 21.48 14.01
C ASN C 202 -25.58 20.09 13.91
N VAL C 203 -25.38 19.25 14.94
CA VAL C 203 -25.94 17.88 15.00
C VAL C 203 -27.46 17.96 15.01
N GLN C 204 -28.03 18.92 15.75
CA GLN C 204 -29.50 19.10 15.80
C GLN C 204 -30.02 19.46 14.40
N LEU C 205 -29.34 20.39 13.71
CA LEU C 205 -29.77 20.80 12.37
C LEU C 205 -29.67 19.69 11.38
N LEU C 206 -28.64 18.84 11.48
CA LEU C 206 -28.46 17.71 10.58
C LEU C 206 -29.51 16.65 10.86
N ALA C 207 -29.70 16.32 12.14
CA ALA C 207 -30.74 15.34 12.49
C ALA C 207 -32.14 15.78 12.03
N HIS C 208 -32.45 17.09 12.16
CA HIS C 208 -33.75 17.64 11.80
C HIS C 208 -33.79 18.30 10.44
N LEU C 209 -32.80 18.00 9.58
CA LEU C 209 -32.76 18.55 8.22
C LEU C 209 -34.05 18.32 7.40
N PRO C 210 -34.82 17.20 7.56
CA PRO C 210 -36.06 17.07 6.79
C PRO C 210 -37.05 18.21 7.02
N ARG C 211 -37.04 18.85 8.21
CA ARG C 211 -37.93 19.96 8.56
C ARG C 211 -37.63 21.21 7.73
N LEU C 212 -36.35 21.41 7.34
CA LEU C 212 -35.97 22.53 6.49
C LEU C 212 -36.30 22.25 5.02
N CYS C 213 -36.42 20.95 4.66
CA CYS C 213 -36.74 20.54 3.29
C CYS C 213 -38.21 20.79 2.94
N GLU C 214 -39.01 21.15 3.95
CA GLU C 214 -40.45 21.41 3.79
C GLU C 214 -40.77 22.86 3.36
N LEU C 215 -39.74 23.66 3.03
CA LEU C 215 -39.90 25.07 2.62
C LEU C 215 -40.07 25.24 1.11
N GLY C 216 -40.16 24.11 0.40
CA GLY C 216 -40.40 24.09 -1.03
C GLY C 216 -39.22 24.49 -1.90
N VAL C 217 -38.03 24.57 -1.30
CA VAL C 217 -36.83 24.97 -2.04
C VAL C 217 -35.71 23.95 -1.76
N PRO C 218 -34.83 23.66 -2.72
CA PRO C 218 -33.72 22.70 -2.45
C PRO C 218 -32.82 23.16 -1.33
N VAL C 219 -32.33 22.19 -0.54
CA VAL C 219 -31.44 22.47 0.58
C VAL C 219 -29.98 22.08 0.22
N LEU C 220 -29.04 22.99 0.50
N LEU C 220 -29.03 22.99 0.50
CA LEU C 220 -27.61 22.75 0.34
CA LEU C 220 -27.60 22.76 0.34
C LEU C 220 -27.04 22.54 1.74
C LEU C 220 -27.03 22.55 1.74
N ALA C 221 -26.21 21.50 1.93
CA ALA C 221 -25.56 21.25 3.22
C ALA C 221 -24.05 21.32 2.97
N GLY C 222 -23.33 22.02 3.83
CA GLY C 222 -21.90 22.12 3.73
C GLY C 222 -21.29 21.86 5.09
N LEU C 223 -20.86 20.62 5.32
CA LEU C 223 -20.25 20.26 6.60
C LEU C 223 -18.78 19.89 6.33
N SER C 224 -18.26 20.25 5.17
CA SER C 224 -16.94 19.80 4.74
C SER C 224 -15.78 20.27 5.60
N ARG C 225 -15.13 19.27 6.26
CA ARG C 225 -13.92 19.51 7.07
C ARG C 225 -14.11 20.53 8.15
N LYS C 226 -15.37 20.73 8.58
CA LYS C 226 -15.71 21.72 9.57
C LYS C 226 -15.34 21.29 10.98
N ARG C 227 -15.18 22.29 11.86
CA ARG C 227 -14.79 22.08 13.25
C ARG C 227 -15.71 21.10 13.97
N SER C 228 -17.04 21.19 13.77
CA SER C 228 -17.99 20.27 14.41
C SER C 228 -17.70 18.81 14.04
N ILE C 229 -17.30 18.53 12.78
CA ILE C 229 -16.93 17.17 12.36
C ILE C 229 -15.69 16.75 13.13
N GLY C 230 -14.74 17.68 13.23
CA GLY C 230 -13.51 17.49 13.98
C GLY C 230 -13.78 17.19 15.45
N GLU C 231 -14.72 17.89 16.06
CA GLU C 231 -15.08 17.67 17.47
C GLU C 231 -15.77 16.30 17.69
N LEU C 232 -16.63 15.89 16.76
CA LEU C 232 -17.33 14.61 16.90
C LEU C 232 -16.35 13.42 16.80
N THR C 233 -15.34 13.53 15.94
CA THR C 233 -14.40 12.43 15.60
C THR C 233 -12.99 12.53 16.22
N GLY C 234 -12.70 13.67 16.84
CA GLY C 234 -11.40 13.94 17.44
C GLY C 234 -10.32 14.18 16.41
N ARG C 235 -10.69 14.81 15.28
CA ARG C 235 -9.73 15.07 14.19
C ARG C 235 -9.46 16.58 14.14
N GLU C 236 -8.26 16.98 14.54
CA GLU C 236 -7.89 18.38 14.64
C GLU C 236 -7.78 19.18 13.32
N LEU C 237 -7.15 18.57 12.31
CA LEU C 237 -6.84 19.29 11.09
C LEU C 237 -7.83 18.99 9.98
N PRO C 238 -8.09 19.98 9.09
CA PRO C 238 -9.10 19.78 8.04
C PRO C 238 -8.99 18.47 7.22
N GLU C 239 -7.81 18.09 6.69
CA GLU C 239 -7.65 16.86 5.89
C GLU C 239 -7.80 15.59 6.73
N GLN C 240 -7.79 15.73 8.07
CA GLN C 240 -8.02 14.55 8.91
C GLN C 240 -9.53 14.29 9.06
N ARG C 241 -10.36 15.28 8.66
CA ARG C 241 -11.81 15.21 8.83
C ARG C 241 -12.56 14.68 7.59
N VAL C 242 -11.83 14.13 6.63
CA VAL C 242 -12.45 13.66 5.37
C VAL C 242 -13.46 12.54 5.58
N ALA C 243 -13.08 11.46 6.32
CA ALA C 243 -14.06 10.39 6.53
C ALA C 243 -15.34 10.84 7.20
N GLY C 244 -15.21 11.63 8.27
CA GLY C 244 -16.37 12.13 9.01
C GLY C 244 -17.21 13.06 8.14
N SER C 245 -16.56 13.83 7.26
CA SER C 245 -17.25 14.76 6.36
C SER C 245 -18.05 14.01 5.30
N VAL C 246 -17.46 12.97 4.71
CA VAL C 246 -18.17 12.17 3.70
C VAL C 246 -19.38 11.52 4.35
N ALA C 247 -19.20 10.99 5.58
CA ALA C 247 -20.33 10.40 6.31
C ALA C 247 -21.41 11.46 6.55
N ALA C 248 -21.04 12.66 7.04
CA ALA C 248 -21.98 13.77 7.29
C ALA C 248 -22.75 14.16 6.01
N HIS C 249 -22.08 14.21 4.89
CA HIS C 249 -22.73 14.53 3.62
C HIS C 249 -23.66 13.46 3.12
N LEU C 250 -23.32 12.18 3.35
CA LEU C 250 -24.23 11.08 3.03
C LEU C 250 -25.47 11.18 3.92
N LEU C 251 -25.28 11.44 5.24
CA LEU C 251 -26.41 11.58 6.15
C LEU C 251 -27.31 12.76 5.74
N ALA C 252 -26.71 13.88 5.32
CA ALA C 252 -27.46 15.03 4.86
C ALA C 252 -28.30 14.69 3.62
N ALA C 253 -27.70 13.97 2.66
CA ALA C 253 -28.40 13.52 1.43
C ALA C 253 -29.56 12.62 1.80
N GLN C 254 -29.35 11.67 2.75
CA GLN C 254 -30.44 10.80 3.19
C GLN C 254 -31.56 11.60 3.83
N ARG C 255 -31.22 12.73 4.48
CA ARG C 255 -32.17 13.56 5.20
C ARG C 255 -32.74 14.72 4.33
N GLY C 256 -32.55 14.65 3.01
CA GLY C 256 -33.22 15.59 2.11
C GLY C 256 -32.36 16.61 1.38
N ALA C 257 -31.08 16.75 1.78
CA ALA C 257 -30.22 17.73 1.08
C ALA C 257 -30.02 17.34 -0.38
N LEU C 258 -30.15 18.32 -1.30
CA LEU C 258 -29.99 18.02 -2.73
C LEU C 258 -28.70 18.57 -3.29
N LEU C 259 -27.93 19.31 -2.48
CA LEU C 259 -26.66 19.83 -2.96
C LEU C 259 -25.74 19.77 -1.78
N LEU C 260 -24.49 19.30 -2.01
CA LEU C 260 -23.51 19.06 -0.95
C LEU C 260 -22.25 19.82 -1.30
N ARG C 261 -21.83 20.75 -0.42
CA ARG C 261 -20.68 21.63 -0.67
C ARG C 261 -19.46 20.99 -0.03
N VAL C 262 -18.56 20.44 -0.86
CA VAL C 262 -17.47 19.61 -0.35
C VAL C 262 -16.12 19.93 -0.92
N HIS C 263 -15.08 19.58 -0.14
CA HIS C 263 -13.70 19.62 -0.63
C HIS C 263 -13.37 18.27 -1.31
N ASP C 264 -13.85 17.15 -0.72
CA ASP C 264 -13.53 15.78 -1.12
C ASP C 264 -14.51 15.23 -2.13
N VAL C 265 -14.39 15.75 -3.36
CA VAL C 265 -15.36 15.43 -4.39
C VAL C 265 -15.43 13.94 -4.75
N ALA C 266 -14.29 13.33 -5.15
CA ALA C 266 -14.33 11.92 -5.60
C ALA C 266 -14.89 11.01 -4.48
N ALA C 267 -14.49 11.29 -3.22
CA ALA C 267 -14.94 10.43 -2.09
C ALA C 267 -16.43 10.59 -1.86
N THR C 268 -16.95 11.83 -1.97
CA THR C 268 -18.39 12.07 -1.77
C THR C 268 -19.18 11.39 -2.92
N VAL C 269 -18.69 11.54 -4.17
CA VAL C 269 -19.37 10.92 -5.31
C VAL C 269 -19.46 9.39 -5.08
N ASP C 270 -18.37 8.77 -4.65
CA ASP C 270 -18.36 7.31 -4.38
C ASP C 270 -19.40 6.92 -3.32
N ALA C 271 -19.43 7.66 -2.20
CA ALA C 271 -20.39 7.38 -1.14
C ALA C 271 -21.83 7.52 -1.64
N LEU C 272 -22.11 8.59 -2.40
CA LEU C 272 -23.47 8.79 -2.89
C LEU C 272 -23.84 7.73 -3.92
N THR C 273 -22.85 7.27 -4.69
CA THR C 273 -23.07 6.25 -5.74
C THR C 273 -23.51 4.93 -5.11
N VAL C 274 -22.84 4.51 -4.01
CA VAL C 274 -23.17 3.27 -3.29
C VAL C 274 -24.57 3.41 -2.71
N TRP C 275 -24.86 4.54 -2.04
CA TRP C 275 -26.19 4.79 -1.49
C TRP C 275 -27.28 4.77 -2.56
N GLN C 276 -27.05 5.42 -3.73
CA GLN C 276 -28.01 5.44 -4.83
C GLN C 276 -28.36 4.02 -5.30
N ALA C 277 -27.35 3.13 -5.40
CA ALA C 277 -27.55 1.73 -5.82
C ALA C 277 -28.45 1.00 -4.84
N VAL C 278 -28.23 1.19 -3.54
CA VAL C 278 -28.98 0.57 -2.47
C VAL C 278 -30.41 1.11 -2.42
N GLN C 279 -30.56 2.44 -2.45
CA GLN C 279 -31.86 3.14 -2.38
C GLN C 279 -32.76 2.76 -3.58
N ALA C 280 -32.15 2.40 -4.73
CA ALA C 280 -32.84 2.02 -5.97
C ALA C 280 -33.54 0.66 -5.88
N VAL C 281 -33.23 -0.14 -4.85
CA VAL C 281 -33.82 -1.47 -4.70
C VAL C 281 -35.22 -1.37 -4.11
N PRO C 282 -36.25 -1.89 -4.84
CA PRO C 282 -37.62 -1.87 -4.28
C PRO C 282 -37.83 -2.92 -3.19
N THR D 4 30.04 -25.78 -23.73
CA THR D 4 30.93 -26.08 -22.61
C THR D 4 30.23 -25.91 -21.24
N SER D 5 29.05 -25.26 -21.20
CA SER D 5 28.29 -25.06 -19.96
C SER D 5 27.81 -26.41 -19.39
N PRO D 6 27.91 -26.60 -18.05
CA PRO D 6 27.45 -27.86 -17.46
C PRO D 6 25.99 -28.18 -17.78
N ARG D 7 25.77 -29.43 -18.15
CA ARG D 7 24.47 -29.97 -18.53
C ARG D 7 24.21 -31.11 -17.56
N LEU D 8 23.33 -30.88 -16.58
CA LEU D 8 23.04 -31.92 -15.58
C LEU D 8 21.79 -32.67 -15.93
N ASP D 9 21.93 -33.97 -16.16
CA ASP D 9 20.82 -34.85 -16.46
C ASP D 9 20.29 -35.35 -15.12
N CYS D 10 19.19 -34.75 -14.64
CA CYS D 10 18.59 -35.13 -13.37
C CYS D 10 17.46 -36.13 -13.62
N ALA D 11 17.83 -37.40 -13.84
CA ALA D 11 16.92 -38.52 -14.15
C ALA D 11 15.98 -38.18 -15.32
N GLY D 12 16.55 -37.63 -16.38
CA GLY D 12 15.81 -37.26 -17.58
C GLY D 12 15.39 -35.81 -17.66
N ARG D 13 15.40 -35.09 -16.51
CA ARG D 13 15.01 -33.67 -16.43
C ARG D 13 16.33 -32.90 -16.51
N ILE D 14 16.55 -32.12 -17.60
CA ILE D 14 17.82 -31.44 -17.83
C ILE D 14 17.87 -30.09 -17.13
N LEU D 15 18.97 -29.86 -16.44
CA LEU D 15 19.26 -28.60 -15.75
C LEU D 15 20.53 -28.09 -16.41
N THR D 16 20.37 -27.03 -17.19
CA THR D 16 21.48 -26.43 -17.94
C THR D 16 22.06 -25.26 -17.15
N LEU D 17 23.33 -25.36 -16.81
CA LEU D 17 23.99 -24.30 -16.03
C LEU D 17 24.76 -23.33 -16.91
N ASP D 18 24.07 -22.73 -17.87
CA ASP D 18 24.62 -21.71 -18.76
C ASP D 18 24.56 -20.38 -18.01
N ARG D 19 23.71 -20.32 -16.99
CA ARG D 19 23.51 -19.16 -16.13
C ARG D 19 23.16 -19.67 -14.72
N PRO D 20 23.30 -18.84 -13.66
CA PRO D 20 22.94 -19.34 -12.31
C PRO D 20 21.49 -19.78 -12.23
N ARG D 21 21.25 -20.96 -11.65
CA ARG D 21 19.94 -21.56 -11.50
C ARG D 21 19.54 -21.57 -10.03
N VAL D 22 18.24 -21.57 -9.78
CA VAL D 22 17.70 -21.46 -8.43
C VAL D 22 17.14 -22.79 -7.93
N MET D 23 17.68 -23.23 -6.80
CA MET D 23 17.26 -24.46 -6.10
C MET D 23 16.35 -24.05 -4.95
N GLY D 24 15.07 -24.37 -5.04
CA GLY D 24 14.11 -24.01 -3.99
C GLY D 24 14.11 -25.00 -2.84
N ILE D 25 14.19 -24.50 -1.60
CA ILE D 25 14.25 -25.32 -0.38
C ILE D 25 12.88 -25.83 0.02
N VAL D 26 12.73 -27.16 0.10
CA VAL D 26 11.46 -27.80 0.53
C VAL D 26 11.79 -28.68 1.74
N ASN D 27 11.64 -28.14 2.94
CA ASN D 27 11.89 -28.88 4.16
C ASN D 27 10.66 -29.68 4.62
N VAL D 28 10.83 -30.98 4.84
CA VAL D 28 9.76 -31.89 5.30
C VAL D 28 10.10 -32.28 6.74
N THR D 29 10.10 -31.32 7.64
CA THR D 29 10.42 -31.66 9.02
C THR D 29 9.31 -31.18 9.90
N PRO D 30 8.85 -32.06 10.81
CA PRO D 30 7.80 -31.66 11.75
C PRO D 30 8.31 -30.63 12.75
N ASP D 31 7.48 -29.61 13.01
CA ASP D 31 7.75 -28.55 13.99
C ASP D 31 6.57 -28.46 14.99
N SER D 32 6.51 -27.37 15.78
CA SER D 32 5.47 -27.10 16.77
C SER D 32 4.03 -27.05 16.21
N PHE D 33 3.89 -27.00 14.86
CA PHE D 33 2.60 -26.93 14.16
C PHE D 33 2.31 -28.18 13.33
N HIS D 39 1.93 -36.65 7.81
CA HIS D 39 0.68 -36.47 7.06
C HIS D 39 0.44 -35.02 6.69
N THR D 40 0.34 -34.16 7.72
CA THR D 40 0.10 -32.72 7.50
C THR D 40 1.39 -32.07 7.04
N THR D 41 2.54 -32.61 7.49
CA THR D 41 3.85 -32.11 7.10
C THR D 41 4.06 -32.38 5.63
N VAL D 42 3.71 -33.61 5.15
CA VAL D 42 3.79 -33.97 3.73
C VAL D 42 2.98 -33.02 2.86
N GLU D 43 1.67 -32.81 3.20
CA GLU D 43 0.81 -31.94 2.41
C GLU D 43 1.33 -30.49 2.36
N ALA D 44 1.86 -29.98 3.49
CA ALA D 44 2.39 -28.61 3.55
C ALA D 44 3.67 -28.50 2.69
N ALA D 45 4.53 -29.53 2.70
CA ALA D 45 5.78 -29.54 1.90
C ALA D 45 5.47 -29.62 0.41
N VAL D 46 4.47 -30.43 0.04
CA VAL D 46 4.06 -30.53 -1.37
C VAL D 46 3.51 -29.19 -1.86
N ALA D 47 2.60 -28.57 -1.09
CA ALA D 47 2.05 -27.27 -1.46
C ALA D 47 3.18 -26.23 -1.58
N HIS D 48 4.15 -26.29 -0.68
CA HIS D 48 5.28 -25.35 -0.71
C HIS D 48 6.14 -25.55 -1.97
N GLY D 49 6.46 -26.80 -2.30
CA GLY D 49 7.23 -27.10 -3.52
C GLY D 49 6.50 -26.63 -4.76
N LEU D 50 5.15 -26.78 -4.80
CA LEU D 50 4.37 -26.29 -5.96
C LEU D 50 4.44 -24.76 -6.06
N ARG D 51 4.41 -24.07 -4.91
CA ARG D 51 4.52 -22.61 -4.86
C ARG D 51 5.89 -22.15 -5.37
N LEU D 52 6.96 -22.86 -4.96
CA LEU D 52 8.32 -22.51 -5.42
C LEU D 52 8.48 -22.75 -6.91
N ALA D 53 7.84 -23.81 -7.45
CA ALA D 53 7.89 -24.04 -8.91
C ALA D 53 7.18 -22.86 -9.60
N GLU D 54 6.00 -22.43 -9.11
CA GLU D 54 5.29 -21.26 -9.66
C GLU D 54 6.15 -20.00 -9.62
N GLU D 55 7.00 -19.84 -8.58
CA GLU D 55 7.89 -18.70 -8.41
C GLU D 55 9.10 -18.71 -9.31
N GLY D 56 9.28 -19.80 -10.06
CA GLY D 56 10.36 -19.89 -11.02
C GLY D 56 11.59 -20.66 -10.61
N ALA D 57 11.49 -21.53 -9.58
CA ALA D 57 12.62 -22.38 -9.17
C ALA D 57 13.02 -23.24 -10.38
N ASP D 58 14.32 -23.50 -10.55
CA ASP D 58 14.83 -24.36 -11.60
C ASP D 58 14.87 -25.81 -11.13
N LEU D 59 14.86 -26.01 -9.80
CA LEU D 59 14.87 -27.32 -9.17
C LEU D 59 14.43 -27.20 -7.71
N LEU D 60 14.02 -28.32 -7.11
CA LEU D 60 13.55 -28.34 -5.72
C LEU D 60 14.40 -29.27 -4.90
N ASP D 61 14.78 -28.86 -3.69
CA ASP D 61 15.62 -29.68 -2.81
C ASP D 61 14.76 -30.11 -1.65
N ILE D 62 14.45 -31.40 -1.59
CA ILE D 62 13.55 -31.98 -0.58
C ILE D 62 14.35 -32.63 0.52
N GLY D 63 14.19 -32.17 1.76
CA GLY D 63 14.94 -32.71 2.88
C GLY D 63 14.11 -33.06 4.07
N GLY D 64 14.38 -34.23 4.67
CA GLY D 64 13.64 -34.76 5.81
C GLY D 64 14.40 -34.81 7.12
N GLU D 65 15.61 -34.24 7.16
CA GLU D 65 16.40 -34.21 8.40
C GLU D 65 17.09 -32.86 8.57
N SER D 66 16.81 -32.19 9.70
CA SER D 66 17.39 -30.88 10.03
C SER D 66 18.91 -31.02 10.11
N THR D 67 19.62 -30.07 9.50
CA THR D 67 21.08 -30.07 9.45
C THR D 67 21.66 -28.96 10.35
N VAL D 74 17.70 -38.37 12.67
CA VAL D 74 16.48 -38.97 12.13
C VAL D 74 16.83 -40.37 11.58
N PRO D 75 16.19 -41.47 12.06
CA PRO D 75 16.49 -42.81 11.50
C PRO D 75 16.03 -42.89 10.05
N VAL D 76 16.72 -43.70 9.21
CA VAL D 76 16.39 -43.87 7.77
C VAL D 76 14.88 -44.08 7.56
N GLU D 77 14.23 -45.00 8.31
CA GLU D 77 12.81 -45.30 8.12
C GLU D 77 11.91 -44.06 8.30
N GLU D 78 12.23 -43.21 9.28
CA GLU D 78 11.53 -41.96 9.60
C GLU D 78 11.77 -40.94 8.46
N GLU D 79 13.02 -40.85 7.98
CA GLU D 79 13.39 -39.92 6.91
C GLU D 79 12.64 -40.31 5.66
N LEU D 80 12.50 -41.64 5.38
CA LEU D 80 11.77 -42.09 4.20
C LEU D 80 10.29 -41.74 4.29
N ARG D 81 9.71 -41.88 5.49
CA ARG D 81 8.31 -41.57 5.73
C ARG D 81 8.01 -40.08 5.40
N ARG D 82 9.00 -39.22 5.57
CA ARG D 82 8.89 -37.79 5.25
C ARG D 82 9.15 -37.47 3.79
N VAL D 83 10.29 -37.89 3.24
CA VAL D 83 10.66 -37.45 1.89
C VAL D 83 10.00 -38.20 0.78
N ILE D 84 9.81 -39.52 0.91
CA ILE D 84 9.28 -40.27 -0.24
C ILE D 84 7.90 -39.77 -0.69
N PRO D 85 6.90 -39.59 0.19
CA PRO D 85 5.60 -39.12 -0.31
C PRO D 85 5.70 -37.74 -0.98
N VAL D 86 6.60 -36.87 -0.48
CA VAL D 86 6.80 -35.53 -1.06
C VAL D 86 7.41 -35.64 -2.48
N ILE D 87 8.45 -36.48 -2.63
CA ILE D 87 9.07 -36.72 -3.95
C ILE D 87 8.04 -37.31 -4.92
N GLU D 88 7.27 -38.33 -4.48
CA GLU D 88 6.27 -38.96 -5.36
C GLU D 88 5.24 -37.96 -5.85
N ARG D 89 4.77 -37.08 -4.96
CA ARG D 89 3.78 -36.08 -5.34
C ARG D 89 4.37 -34.98 -6.23
N LEU D 90 5.55 -34.44 -5.88
CA LEU D 90 6.17 -33.39 -6.70
C LEU D 90 6.66 -33.88 -8.08
N VAL D 91 7.10 -35.15 -8.20
CA VAL D 91 7.54 -35.68 -9.51
C VAL D 91 6.33 -35.77 -10.47
N ALA D 92 5.15 -36.05 -9.92
CA ALA D 92 3.91 -36.14 -10.69
C ALA D 92 3.28 -34.78 -11.00
N GLN D 93 3.52 -33.76 -10.15
CA GLN D 93 2.84 -32.47 -10.28
C GLN D 93 3.71 -31.29 -10.76
N THR D 94 5.01 -31.53 -10.97
CA THR D 94 5.92 -30.51 -11.49
C THR D 94 6.77 -31.17 -12.59
N ALA D 95 7.31 -30.35 -13.48
CA ALA D 95 8.21 -30.81 -14.53
C ALA D 95 9.66 -30.53 -14.12
N LEU D 96 9.87 -30.02 -12.89
CA LEU D 96 11.20 -29.66 -12.40
C LEU D 96 12.07 -30.80 -11.95
N PRO D 97 13.41 -30.69 -12.14
CA PRO D 97 14.31 -31.67 -11.52
C PRO D 97 14.16 -31.59 -10.00
N LEU D 98 14.25 -32.73 -9.32
CA LEU D 98 14.11 -32.83 -7.87
C LEU D 98 15.36 -33.38 -7.24
N SER D 99 15.84 -32.70 -6.18
CA SER D 99 16.99 -33.12 -5.42
C SER D 99 16.53 -33.63 -4.05
N VAL D 100 17.23 -34.62 -3.50
CA VAL D 100 16.97 -35.15 -2.16
C VAL D 100 18.14 -34.75 -1.29
N ASP D 101 17.84 -34.10 -0.16
CA ASP D 101 18.86 -33.64 0.76
C ASP D 101 19.01 -34.66 1.85
N THR D 102 20.00 -35.54 1.70
CA THR D 102 20.25 -36.63 2.65
C THR D 102 21.71 -37.04 2.58
N PHE D 103 22.24 -37.62 3.65
CA PHE D 103 23.58 -38.18 3.66
C PHE D 103 23.51 -39.71 3.77
N LYS D 104 22.28 -40.29 3.81
CA LYS D 104 22.11 -41.73 4.01
C LYS D 104 21.94 -42.49 2.72
N PRO D 105 22.83 -43.49 2.42
CA PRO D 105 22.72 -44.20 1.12
C PRO D 105 21.40 -44.87 0.88
N GLU D 106 20.79 -45.43 1.92
CA GLU D 106 19.49 -46.08 1.76
C GLU D 106 18.40 -45.09 1.40
N VAL D 107 18.49 -43.84 1.91
CA VAL D 107 17.54 -42.78 1.53
C VAL D 107 17.80 -42.35 0.10
N MET D 108 19.08 -42.29 -0.29
CA MET D 108 19.41 -41.92 -1.65
C MET D 108 18.81 -42.87 -2.64
N ARG D 109 18.99 -44.19 -2.42
CA ARG D 109 18.46 -45.20 -3.33
C ARG D 109 16.96 -45.15 -3.40
N ALA D 110 16.30 -45.09 -2.23
CA ALA D 110 14.83 -45.06 -2.21
C ALA D 110 14.26 -43.79 -2.84
N ALA D 111 14.92 -42.63 -2.60
CA ALA D 111 14.48 -41.34 -3.17
C ALA D 111 14.61 -41.32 -4.69
N VAL D 112 15.73 -41.86 -5.22
CA VAL D 112 15.89 -41.93 -6.68
C VAL D 112 14.84 -42.88 -7.30
N ALA D 113 14.56 -44.01 -6.65
CA ALA D 113 13.52 -44.94 -7.15
C ALA D 113 12.16 -44.24 -7.16
N ALA D 114 11.92 -43.32 -6.19
CA ALA D 114 10.68 -42.55 -6.07
C ALA D 114 10.56 -41.38 -7.06
N GLY D 115 11.67 -41.03 -7.73
CA GLY D 115 11.66 -39.96 -8.71
C GLY D 115 12.67 -38.83 -8.55
N ALA D 116 13.47 -38.84 -7.47
CA ALA D 116 14.50 -37.82 -7.28
C ALA D 116 15.55 -37.98 -8.38
N GLY D 117 16.04 -36.85 -8.90
CA GLY D 117 17.02 -36.82 -9.96
C GLY D 117 18.37 -36.25 -9.57
N MET D 118 18.59 -35.97 -8.27
CA MET D 118 19.85 -35.43 -7.77
C MET D 118 19.92 -35.71 -6.28
N ILE D 119 21.11 -35.84 -5.75
CA ILE D 119 21.37 -36.05 -4.33
C ILE D 119 22.16 -34.84 -3.84
N ASN D 120 21.70 -34.23 -2.73
CA ASN D 120 22.40 -33.12 -2.13
C ASN D 120 22.91 -33.62 -0.81
N ASP D 121 24.21 -33.88 -0.73
CA ASP D 121 24.79 -34.50 0.44
C ASP D 121 25.70 -33.59 1.27
N VAL D 122 25.21 -33.19 2.46
CA VAL D 122 25.98 -32.36 3.40
C VAL D 122 27.28 -33.04 3.87
N GLN D 123 27.34 -34.40 3.76
CA GLN D 123 28.51 -35.19 4.17
C GLN D 123 29.46 -35.51 3.02
N ALA D 124 29.17 -35.02 1.81
CA ALA D 124 30.02 -35.22 0.63
C ALA D 124 30.40 -36.72 0.39
N LEU D 125 29.40 -37.60 0.51
CA LEU D 125 29.50 -39.05 0.31
C LEU D 125 30.46 -39.74 1.28
N ARG D 126 30.61 -39.18 2.49
CA ARG D 126 31.49 -39.80 3.49
C ARG D 126 30.82 -40.88 4.30
N GLN D 127 29.48 -40.96 4.26
CA GLN D 127 28.75 -41.99 4.98
C GLN D 127 29.07 -43.35 4.30
N PRO D 128 29.37 -44.38 5.13
CA PRO D 128 29.66 -45.71 4.54
C PRO D 128 28.58 -46.20 3.56
N GLY D 129 28.98 -46.45 2.31
CA GLY D 129 28.11 -46.88 1.22
C GLY D 129 27.60 -45.80 0.27
N ALA D 130 27.80 -44.52 0.67
CA ALA D 130 27.31 -43.40 -0.16
C ALA D 130 27.93 -43.34 -1.54
N LEU D 131 29.26 -43.59 -1.63
CA LEU D 131 29.94 -43.57 -2.92
C LEU D 131 29.37 -44.62 -3.86
N ASP D 132 29.22 -45.86 -3.36
CA ASP D 132 28.64 -46.96 -4.14
C ASP D 132 27.22 -46.68 -4.60
N ALA D 133 26.39 -46.13 -3.69
CA ALA D 133 25.00 -45.81 -4.01
C ALA D 133 24.91 -44.81 -5.15
N VAL D 134 25.64 -43.68 -5.05
CA VAL D 134 25.60 -42.64 -6.09
C VAL D 134 26.18 -43.16 -7.42
N ALA D 135 27.27 -43.95 -7.36
CA ALA D 135 27.84 -44.55 -8.58
C ALA D 135 26.82 -45.40 -9.33
N ASP D 136 26.03 -46.21 -8.58
CA ASP D 136 24.97 -47.04 -9.15
C ASP D 136 23.80 -46.25 -9.69
N LEU D 137 23.44 -45.15 -9.01
CA LEU D 137 22.23 -44.38 -9.33
C LEU D 137 22.35 -43.51 -10.56
N ARG D 138 23.56 -43.12 -10.95
CA ARG D 138 23.78 -42.30 -12.14
C ARG D 138 23.00 -40.96 -12.13
N VAL D 139 22.90 -40.32 -10.96
CA VAL D 139 22.28 -39.01 -10.80
C VAL D 139 23.35 -37.99 -10.35
N PRO D 140 23.15 -36.68 -10.62
CA PRO D 140 24.11 -35.68 -10.11
C PRO D 140 24.15 -35.70 -8.57
N VAL D 141 25.25 -35.24 -8.00
CA VAL D 141 25.42 -35.19 -6.55
C VAL D 141 26.15 -33.94 -6.14
N VAL D 142 25.68 -33.30 -5.06
CA VAL D 142 26.32 -32.12 -4.49
C VAL D 142 27.23 -32.59 -3.38
N LEU D 143 28.51 -32.23 -3.45
CA LEU D 143 29.47 -32.53 -2.40
C LEU D 143 29.74 -31.26 -1.61
N MET D 144 29.26 -31.21 -0.37
CA MET D 144 29.36 -30.00 0.47
C MET D 144 30.48 -30.13 1.48
N HIS D 145 31.06 -29.01 1.90
CA HIS D 145 32.07 -28.99 2.93
C HIS D 145 31.42 -28.76 4.25
N MET D 146 31.76 -29.65 5.19
CA MET D 146 31.27 -29.61 6.54
C MET D 146 32.43 -30.20 7.35
N PRO D 147 33.00 -29.52 8.35
CA PRO D 147 34.08 -30.17 9.14
C PRO D 147 33.43 -31.26 10.02
N GLY D 148 34.02 -32.47 10.04
CA GLY D 148 33.50 -33.66 10.75
C GLY D 148 32.05 -34.01 10.40
N ALA D 156 31.88 -24.10 14.95
CA ALA D 156 32.70 -23.13 14.21
C ALA D 156 34.20 -23.25 14.61
N PRO D 157 34.91 -24.28 14.07
CA PRO D 157 36.33 -24.44 14.40
C PRO D 157 37.22 -23.36 13.79
N HIS D 158 38.48 -23.30 14.24
CA HIS D 158 39.43 -22.32 13.74
C HIS D 158 40.09 -22.88 12.48
N TYR D 159 40.22 -22.03 11.46
CA TYR D 159 40.88 -22.38 10.21
C TYR D 159 42.07 -21.44 10.06
N ASP D 160 43.23 -21.98 9.67
CA ASP D 160 44.40 -21.16 9.39
C ASP D 160 44.12 -20.41 8.08
N ASP D 161 43.47 -21.11 7.12
CA ASP D 161 43.11 -20.58 5.81
C ASP D 161 41.84 -21.35 5.38
N VAL D 162 40.65 -20.80 5.74
CA VAL D 162 39.36 -21.45 5.44
C VAL D 162 39.19 -21.76 3.94
N VAL D 163 39.62 -20.85 3.06
CA VAL D 163 39.50 -21.00 1.61
C VAL D 163 40.36 -22.19 1.12
N ALA D 164 41.61 -22.25 1.60
CA ALA D 164 42.52 -23.35 1.21
C ALA D 164 42.06 -24.70 1.78
N GLU D 165 41.56 -24.70 3.01
CA GLU D 165 41.06 -25.92 3.67
C GLU D 165 39.79 -26.48 3.00
N VAL D 166 38.86 -25.58 2.64
CA VAL D 166 37.64 -26.01 1.93
C VAL D 166 38.02 -26.50 0.54
N HIS D 167 38.95 -25.80 -0.15
CA HIS D 167 39.43 -26.20 -1.50
C HIS D 167 40.03 -27.62 -1.42
N ARG D 168 40.90 -27.86 -0.43
CA ARG D 168 41.59 -29.16 -0.23
C ARG D 168 40.56 -30.29 -0.01
N PHE D 169 39.58 -30.04 0.88
CA PHE D 169 38.52 -31.01 1.16
C PHE D 169 37.74 -31.36 -0.10
N LEU D 170 37.31 -30.33 -0.87
CA LEU D 170 36.50 -30.56 -2.06
C LEU D 170 37.26 -31.29 -3.16
N VAL D 171 38.57 -31.03 -3.31
CA VAL D 171 39.41 -31.77 -4.28
C VAL D 171 39.39 -33.28 -3.88
N GLU D 172 39.60 -33.58 -2.61
CA GLU D 172 39.60 -34.94 -2.07
C GLU D 172 38.28 -35.67 -2.36
N ARG D 173 37.14 -34.95 -2.16
CA ARG D 173 35.83 -35.57 -2.37
C ARG D 173 35.54 -35.77 -3.83
N ILE D 174 35.94 -34.81 -4.70
CA ILE D 174 35.72 -34.95 -6.16
C ILE D 174 36.48 -36.23 -6.60
N PHE D 175 37.74 -36.34 -6.18
CA PHE D 175 38.61 -37.46 -6.54
C PHE D 175 38.05 -38.81 -6.07
N ALA D 176 37.60 -38.87 -4.80
CA ALA D 176 36.94 -40.04 -4.22
C ALA D 176 35.71 -40.45 -5.05
N ALA D 177 34.87 -39.48 -5.46
CA ALA D 177 33.68 -39.74 -6.27
C ALA D 177 34.04 -40.26 -7.65
N GLU D 178 35.05 -39.63 -8.29
CA GLU D 178 35.46 -40.07 -9.62
C GLU D 178 36.00 -41.51 -9.58
N MET D 179 36.79 -41.83 -8.54
CA MET D 179 37.38 -43.17 -8.39
C MET D 179 36.34 -44.24 -8.07
N ALA D 180 35.18 -43.84 -7.52
CA ALA D 180 34.10 -44.77 -7.22
C ALA D 180 33.25 -45.02 -8.49
N GLY D 181 33.57 -44.33 -9.57
CA GLY D 181 32.86 -44.47 -10.83
C GLY D 181 31.74 -43.47 -11.05
N ILE D 182 31.75 -42.33 -10.30
CA ILE D 182 30.74 -41.29 -10.51
C ILE D 182 31.36 -40.38 -11.57
N ASP D 183 30.73 -40.20 -12.73
CA ASP D 183 31.26 -39.34 -13.80
C ASP D 183 31.45 -37.91 -13.25
N LYS D 184 32.60 -37.27 -13.53
CA LYS D 184 32.88 -35.90 -13.09
C LYS D 184 31.80 -34.91 -13.51
N ARG D 185 31.11 -35.18 -14.65
CA ARG D 185 30.05 -34.33 -15.17
C ARG D 185 28.80 -34.35 -14.30
N ARG D 186 28.70 -35.30 -13.35
CA ARG D 186 27.56 -35.41 -12.46
C ARG D 186 27.87 -34.77 -11.10
N LEU D 187 29.07 -34.21 -10.91
CA LEU D 187 29.44 -33.62 -9.62
C LEU D 187 29.16 -32.12 -9.53
N LEU D 188 28.81 -31.66 -8.32
CA LEU D 188 28.66 -30.25 -7.97
C LEU D 188 29.36 -30.13 -6.64
N ILE D 189 29.90 -28.96 -6.34
CA ILE D 189 30.56 -28.75 -5.04
C ILE D 189 29.93 -27.57 -4.34
N ASP D 190 30.06 -27.52 -3.01
CA ASP D 190 29.45 -26.45 -2.26
C ASP D 190 30.35 -26.18 -1.06
N PRO D 191 30.76 -24.93 -0.83
CA PRO D 191 31.63 -24.64 0.34
C PRO D 191 30.97 -24.80 1.68
N GLY D 192 29.64 -24.99 1.70
CA GLY D 192 28.90 -25.18 2.94
C GLY D 192 28.87 -23.96 3.81
N PHE D 193 28.31 -22.84 3.30
CA PHE D 193 28.19 -21.64 4.13
C PHE D 193 27.40 -21.95 5.39
N GLY D 194 27.91 -21.48 6.52
CA GLY D 194 27.29 -21.66 7.83
C GLY D 194 27.57 -22.96 8.55
N PHE D 195 28.21 -23.95 7.88
CA PHE D 195 28.52 -25.24 8.51
C PHE D 195 29.90 -25.21 9.10
N GLY D 196 29.97 -24.98 10.41
CA GLY D 196 31.23 -24.91 11.13
C GLY D 196 32.09 -23.76 10.64
N LYS D 197 31.46 -22.58 10.39
CA LYS D 197 32.14 -21.41 9.88
C LYS D 197 31.58 -20.17 10.57
N SER D 198 32.47 -19.27 10.98
CA SER D 198 32.09 -18.01 11.61
C SER D 198 31.60 -17.07 10.49
N THR D 199 31.04 -15.90 10.87
CA THR D 199 30.63 -14.90 9.87
C THR D 199 31.85 -14.50 9.04
N ALA D 200 33.01 -14.22 9.70
CA ALA D 200 34.26 -13.86 8.99
C ALA D 200 34.66 -14.95 7.99
N ASP D 201 34.57 -16.24 8.39
CA ASP D 201 34.89 -17.36 7.49
C ASP D 201 33.94 -17.39 6.29
N ASN D 202 32.62 -17.20 6.53
CA ASN D 202 31.64 -17.22 5.43
C ASN D 202 31.88 -16.10 4.44
N VAL D 203 32.23 -14.90 4.95
CA VAL D 203 32.52 -13.72 4.14
C VAL D 203 33.78 -13.97 3.31
N GLN D 204 34.81 -14.60 3.92
CA GLN D 204 36.04 -14.96 3.21
C GLN D 204 35.75 -15.93 2.07
N LEU D 205 34.93 -16.98 2.33
CA LEU D 205 34.59 -17.96 1.28
C LEU D 205 33.80 -17.35 0.16
N LEU D 206 32.89 -16.41 0.48
CA LEU D 206 32.09 -15.73 -0.54
C LEU D 206 32.99 -14.80 -1.37
N ALA D 207 33.83 -14.02 -0.70
CA ALA D 207 34.74 -13.11 -1.40
C ALA D 207 35.69 -13.88 -2.33
N HIS D 208 36.17 -15.06 -1.88
CA HIS D 208 37.11 -15.87 -2.63
C HIS D 208 36.47 -17.03 -3.39
N LEU D 209 35.12 -17.00 -3.57
CA LEU D 209 34.42 -18.03 -4.31
C LEU D 209 34.99 -18.33 -5.71
N PRO D 210 35.55 -17.34 -6.49
CA PRO D 210 36.10 -17.72 -7.80
C PRO D 210 37.20 -18.79 -7.73
N ARG D 211 37.91 -18.87 -6.60
CA ARG D 211 38.97 -19.87 -6.32
C ARG D 211 38.41 -21.29 -6.20
N LEU D 212 37.13 -21.45 -5.85
CA LEU D 212 36.51 -22.79 -5.75
C LEU D 212 35.90 -23.15 -7.08
N CYS D 213 35.71 -22.15 -7.96
CA CYS D 213 35.14 -22.37 -9.30
C CYS D 213 36.14 -22.93 -10.30
N GLU D 214 37.41 -22.97 -9.93
CA GLU D 214 38.52 -23.45 -10.76
C GLU D 214 38.74 -24.98 -10.66
N LEU D 215 37.81 -25.71 -9.98
CA LEU D 215 37.94 -27.17 -9.81
C LEU D 215 37.25 -27.97 -10.91
N GLY D 216 36.77 -27.27 -11.93
CA GLY D 216 36.13 -27.85 -13.11
C GLY D 216 34.74 -28.38 -12.89
N VAL D 217 34.13 -28.08 -11.74
CA VAL D 217 32.79 -28.55 -11.44
C VAL D 217 31.90 -27.36 -11.01
N PRO D 218 30.60 -27.36 -11.34
CA PRO D 218 29.72 -26.24 -10.89
C PRO D 218 29.69 -26.09 -9.38
N VAL D 219 29.57 -24.83 -8.90
CA VAL D 219 29.55 -24.52 -7.47
C VAL D 219 28.11 -24.13 -7.07
N LEU D 220 27.61 -24.70 -5.96
N LEU D 220 27.61 -24.70 -5.96
CA LEU D 220 26.32 -24.37 -5.38
CA LEU D 220 26.30 -24.37 -5.39
C LEU D 220 26.62 -23.51 -4.15
C LEU D 220 26.58 -23.54 -4.13
N ALA D 221 25.86 -22.41 -3.96
CA ALA D 221 26.03 -21.56 -2.77
C ALA D 221 24.70 -21.49 -2.07
N GLY D 222 24.70 -21.73 -0.77
CA GLY D 222 23.47 -21.68 0.01
C GLY D 222 23.69 -20.77 1.18
N LEU D 223 23.27 -19.51 1.08
CA LEU D 223 23.43 -18.56 2.18
C LEU D 223 22.06 -18.14 2.72
N SER D 224 21.02 -18.82 2.27
CA SER D 224 19.63 -18.41 2.52
C SER D 224 19.24 -18.31 3.99
N ARG D 225 18.95 -17.06 4.41
CA ARG D 225 18.45 -16.78 5.76
C ARG D 225 19.36 -17.26 6.87
N LYS D 226 20.66 -17.45 6.54
CA LYS D 226 21.63 -17.98 7.47
C LYS D 226 22.08 -16.98 8.53
N ARG D 227 22.55 -17.53 9.68
CA ARG D 227 23.00 -16.70 10.82
C ARG D 227 24.01 -15.63 10.39
N SER D 228 25.00 -15.97 9.54
CA SER D 228 26.03 -15.01 9.09
C SER D 228 25.40 -13.80 8.41
N ILE D 229 24.34 -14.01 7.60
CA ILE D 229 23.61 -12.89 6.96
C ILE D 229 22.96 -12.04 8.04
N GLY D 230 22.35 -12.72 9.01
CA GLY D 230 21.72 -12.10 10.17
C GLY D 230 22.71 -11.26 10.96
N GLU D 231 23.93 -11.77 11.17
CA GLU D 231 24.99 -11.04 11.90
C GLU D 231 25.48 -9.81 11.14
N LEU D 232 25.63 -9.91 9.82
CA LEU D 232 26.11 -8.80 9.01
C LEU D 232 25.10 -7.64 8.98
N THR D 233 23.80 -7.96 8.98
CA THR D 233 22.72 -6.99 8.83
C THR D 233 21.95 -6.64 10.10
N GLY D 234 22.18 -7.37 11.18
CA GLY D 234 21.47 -7.16 12.43
C GLY D 234 20.05 -7.68 12.39
N ARG D 235 19.78 -8.71 11.56
CA ARG D 235 18.43 -9.27 11.42
C ARG D 235 18.36 -10.61 12.15
N GLU D 236 17.67 -10.63 13.29
CA GLU D 236 17.62 -11.79 14.16
C GLU D 236 16.85 -12.99 13.62
N LEU D 237 15.71 -12.74 12.99
CA LEU D 237 14.83 -13.81 12.54
C LEU D 237 15.06 -14.18 11.09
N PRO D 238 14.80 -15.47 10.73
CA PRO D 238 15.04 -15.90 9.34
C PRO D 238 14.35 -15.07 8.25
N GLU D 239 13.04 -14.78 8.42
CA GLU D 239 12.31 -13.99 7.43
C GLU D 239 12.76 -12.53 7.37
N GLN D 240 13.50 -12.06 8.38
CA GLN D 240 14.03 -10.69 8.35
C GLN D 240 15.33 -10.64 7.53
N ARG D 241 15.93 -11.81 7.25
CA ARG D 241 17.21 -11.87 6.51
C ARG D 241 17.04 -12.00 4.98
N VAL D 242 15.82 -11.85 4.45
CA VAL D 242 15.55 -12.06 3.02
C VAL D 242 16.35 -11.09 2.11
N ALA D 243 16.29 -9.78 2.38
CA ALA D 243 17.04 -8.83 1.53
C ALA D 243 18.55 -9.12 1.52
N GLY D 244 19.15 -9.37 2.69
CA GLY D 244 20.57 -9.66 2.78
C GLY D 244 20.91 -10.97 2.09
N SER D 245 19.98 -11.96 2.15
CA SER D 245 20.20 -13.28 1.51
C SER D 245 20.17 -13.13 -0.01
N VAL D 246 19.19 -12.37 -0.54
CA VAL D 246 19.09 -12.18 -1.99
C VAL D 246 20.36 -11.47 -2.49
N ALA D 247 20.84 -10.44 -1.72
CA ALA D 247 22.10 -9.75 -2.06
C ALA D 247 23.28 -10.77 -2.04
N ALA D 248 23.39 -11.61 -1.00
CA ALA D 248 24.44 -12.62 -0.89
C ALA D 248 24.42 -13.59 -2.07
N HIS D 249 23.23 -14.02 -2.49
CA HIS D 249 23.11 -14.93 -3.63
C HIS D 249 23.48 -14.27 -4.93
N LEU D 250 23.12 -12.99 -5.11
CA LEU D 250 23.56 -12.26 -6.30
C LEU D 250 25.10 -12.14 -6.31
N LEU D 251 25.71 -11.81 -5.14
CA LEU D 251 27.17 -11.73 -5.05
C LEU D 251 27.83 -13.08 -5.36
N ALA D 252 27.23 -14.19 -4.87
CA ALA D 252 27.74 -15.54 -5.15
C ALA D 252 27.69 -15.84 -6.65
N ALA D 253 26.57 -15.50 -7.30
CA ALA D 253 26.39 -15.71 -8.75
C ALA D 253 27.42 -14.88 -9.51
N GLN D 254 27.66 -13.62 -9.10
CA GLN D 254 28.69 -12.79 -9.74
C GLN D 254 30.08 -13.39 -9.59
N ARG D 255 30.29 -14.12 -8.47
CA ARG D 255 31.59 -14.70 -8.16
C ARG D 255 31.72 -16.16 -8.65
N GLY D 256 30.81 -16.61 -9.52
CA GLY D 256 30.95 -17.89 -10.19
C GLY D 256 30.00 -19.01 -9.81
N ALA D 257 29.19 -18.83 -8.73
CA ALA D 257 28.24 -19.89 -8.35
C ALA D 257 27.20 -20.09 -9.45
N LEU D 258 26.92 -21.36 -9.79
CA LEU D 258 25.94 -21.66 -10.85
C LEU D 258 24.64 -22.23 -10.30
N LEU D 259 24.58 -22.50 -8.98
CA LEU D 259 23.35 -22.99 -8.35
C LEU D 259 23.24 -22.25 -7.03
N LEU D 260 22.03 -21.74 -6.71
CA LEU D 260 21.80 -20.97 -5.49
C LEU D 260 20.68 -21.67 -4.74
N ARG D 261 20.92 -22.07 -3.48
CA ARG D 261 19.94 -22.83 -2.70
C ARG D 261 19.21 -21.82 -1.82
N VAL D 262 17.93 -21.55 -2.14
CA VAL D 262 17.23 -20.45 -1.47
C VAL D 262 15.83 -20.79 -0.99
N HIS D 263 15.36 -20.03 0.00
CA HIS D 263 13.98 -20.07 0.45
C HIS D 263 13.15 -19.09 -0.41
N ASP D 264 13.72 -17.91 -0.69
CA ASP D 264 13.04 -16.79 -1.35
C ASP D 264 13.24 -16.84 -2.86
N VAL D 265 12.51 -17.79 -3.47
CA VAL D 265 12.69 -18.07 -4.89
C VAL D 265 12.35 -16.87 -5.77
N ALA D 266 11.11 -16.35 -5.70
CA ALA D 266 10.71 -15.24 -6.58
C ALA D 266 11.67 -14.07 -6.49
N ALA D 267 12.09 -13.70 -5.26
CA ALA D 267 12.98 -12.55 -5.07
C ALA D 267 14.35 -12.80 -5.67
N THR D 268 14.89 -14.04 -5.50
CA THR D 268 16.19 -14.38 -6.07
C THR D 268 16.12 -14.37 -7.61
N VAL D 269 15.05 -14.94 -8.18
CA VAL D 269 14.89 -15.00 -9.64
C VAL D 269 14.87 -13.52 -10.17
N ASP D 270 14.13 -12.64 -9.52
CA ASP D 270 14.09 -11.22 -9.95
C ASP D 270 15.48 -10.58 -9.93
N ALA D 271 16.22 -10.77 -8.83
CA ALA D 271 17.58 -10.21 -8.73
C ALA D 271 18.50 -10.73 -9.81
N LEU D 272 18.47 -12.05 -10.06
CA LEU D 272 19.33 -12.63 -11.09
C LEU D 272 18.91 -12.17 -12.47
N THR D 273 17.61 -11.93 -12.68
CA THR D 273 17.08 -11.48 -13.98
C THR D 273 17.63 -10.08 -14.31
N VAL D 274 17.63 -9.16 -13.33
CA VAL D 274 18.17 -7.80 -13.53
C VAL D 274 19.66 -7.89 -13.85
N TRP D 275 20.40 -8.68 -13.05
CA TRP D 275 21.82 -8.86 -13.27
C TRP D 275 22.14 -9.45 -14.65
N GLN D 276 21.38 -10.47 -15.07
CA GLN D 276 21.57 -11.09 -16.40
C GLN D 276 21.44 -10.07 -17.52
N ALA D 277 20.45 -9.17 -17.42
CA ALA D 277 20.21 -8.12 -18.43
C ALA D 277 21.41 -7.19 -18.53
N VAL D 278 21.97 -6.79 -17.38
CA VAL D 278 23.11 -5.89 -17.29
C VAL D 278 24.39 -6.57 -17.80
N GLN D 279 24.65 -7.79 -17.33
CA GLN D 279 25.84 -8.57 -17.70
C GLN D 279 25.88 -8.87 -19.21
N ALA D 280 24.69 -8.96 -19.86
CA ALA D 280 24.55 -9.25 -21.29
C ALA D 280 25.01 -8.11 -22.20
N VAL D 281 25.22 -6.90 -21.64
CA VAL D 281 25.66 -5.75 -22.42
C VAL D 281 27.17 -5.82 -22.69
N PRO D 282 27.59 -5.85 -23.97
CA PRO D 282 29.04 -5.87 -24.27
C PRO D 282 29.72 -4.52 -24.03
CL6 6GU E . -17.64 -10.78 4.31
N1 6GU E . -17.42 -12.08 6.42
C2 6GU E . -16.69 -12.95 7.22
N2 6GU E . -17.36 -13.38 8.29
N3 6GU E . -15.41 -13.41 6.99
C4 6GU E . -14.87 -12.94 5.81
C5 6GU E . -15.55 -12.07 4.93
C6 6GU E . -16.80 -11.71 5.32
N7 6GU E . -14.73 -11.80 3.83
C8 6GU E . -13.57 -12.52 4.09
N9 6GU E . -13.62 -13.21 5.26
C1 EDO F . -13.71 -9.09 -4.01
O1 EDO F . -12.67 -8.51 -3.29
C2 EDO F . -14.66 -9.82 -3.06
O2 EDO F . -15.82 -10.19 -3.76
C10 ICB G . 9.85 -9.61 -0.14
C01 ICB G . 15.30 -7.15 -1.43
C02 ICB G . 15.56 -8.45 -1.87
C03 ICB G . 14.58 -9.44 -1.79
C04 ICB G . 13.34 -9.11 -1.28
C05 ICB G . 13.04 -7.77 -0.84
C06 ICB G . 14.04 -6.80 -0.92
C07 ICB G . 11.68 -7.76 -0.42
C08 ICB G . 11.19 -9.04 -0.56
N09 ICB G . 12.19 -9.87 -1.09
O11 ICB G . 9.59 -10.81 -0.40
O12 ICB G . 9.11 -8.81 0.46
S SO4 H . -10.12 -10.10 3.06
O1 SO4 H . -9.06 -9.10 2.81
O2 SO4 H . -10.19 -11.07 1.97
O3 SO4 H . -9.83 -10.85 4.34
O4 SO4 H . -11.42 -9.45 3.16
S SO4 I . -10.81 -7.43 -7.00
O1 SO4 I . -9.36 -7.37 -7.15
O2 SO4 I . -11.30 -8.78 -7.32
O3 SO4 I . -11.16 -7.10 -5.63
O4 SO4 I . -11.44 -6.51 -7.94
CL6 6GU J . 15.91 8.70 -11.11
N1 6GU J . 16.68 10.76 -9.99
C2 6GU J . 16.43 11.99 -9.39
N2 6GU J . 17.50 12.73 -9.18
N3 6GU J . 15.16 12.47 -9.04
C4 6GU J . 14.13 11.63 -9.40
C5 6GU J . 14.33 10.37 -10.04
C6 6GU J . 15.62 10.05 -10.29
N7 6GU J . 13.09 9.78 -10.26
C8 6GU J . 12.16 10.70 -9.77
N9 6GU J . 12.75 11.82 -9.24
C1 EDO K . 9.27 4.59 -15.19
O1 EDO K . 10.58 5.08 -15.29
C2 EDO K . 8.82 4.71 -13.75
O2 EDO K . 7.66 3.92 -13.60
C10 ICB L . -9.12 9.61 0.93
C01 ICB L . -14.55 8.40 3.47
C02 ICB L . -13.78 7.43 4.15
C03 ICB L . -12.42 7.26 3.87
C04 ICB L . -11.84 8.08 2.91
C05 ICB L . -12.60 9.09 2.21
C06 ICB L . -13.95 9.21 2.50
C07 ICB L . -11.69 9.76 1.34
C08 ICB L . -10.47 9.21 1.52
N09 ICB L . -10.54 8.18 2.45
O11 ICB L . -8.16 8.94 1.32
O12 ICB L . -9.11 10.57 0.12
S SO4 M . 9.15 8.58 -7.69
O1 SO4 M . 9.50 9.75 -6.85
O2 SO4 M . 10.37 7.92 -8.15
O3 SO4 M . 8.40 9.04 -8.86
O4 SO4 M . 8.30 7.63 -6.93
S SO4 N . 4.55 1.83 -13.91
O1 SO4 N . 5.68 2.12 -13.03
O2 SO4 N . 4.82 0.65 -14.73
O3 SO4 N . 4.34 2.97 -14.80
O4 SO4 N . 3.34 1.60 -13.11
CL6 6GU O . -21.75 25.64 4.79
N1 6GU O . -22.60 26.88 2.83
C2 6GU O . -22.44 27.86 1.84
N2 6GU O . -23.53 28.03 1.12
N3 6GU O . -21.30 28.60 1.62
C4 6GU O . -20.27 28.33 2.48
C5 6GU O . -20.35 27.35 3.52
C6 6GU O . -21.55 26.70 3.59
N7 6GU O . -19.16 27.33 4.22
C8 6GU O . -18.37 28.30 3.61
N9 6GU O . -19.00 28.92 2.56
C1 EDO P . -15.92 26.07 11.25
O1 EDO P . -17.20 25.51 11.40
C2 EDO P . -15.05 25.05 10.55
O2 EDO P . -13.70 25.37 10.70
S SO4 Q . -11.05 24.81 12.45
O1 SO4 Q . -9.66 25.22 12.23
O2 SO4 Q . -11.49 24.09 11.26
O3 SO4 Q . -11.90 25.99 12.68
O4 SO4 Q . -11.12 23.92 13.62
S SO4 R . -14.25 26.74 3.15
O1 SO4 R . -14.61 27.48 1.91
O2 SO4 R . -12.93 26.08 2.94
O3 SO4 R . -14.12 27.69 4.25
O4 SO4 R . -15.33 25.82 3.49
S SO4 S . -18.42 23.23 20.74
O1 SO4 S . -17.00 22.98 20.92
O2 SO4 S . -18.79 23.08 19.34
O3 SO4 S . -18.73 24.59 21.19
O4 SO4 S . -19.18 22.26 21.55
CL6 6GU T . 24.46 -24.35 2.24
N1 6GU T . 24.17 -26.35 0.84
C2 6GU T . 23.64 -27.64 0.64
N2 6GU T . 24.15 -28.28 -0.40
N3 6GU T . 22.70 -28.26 1.44
C4 6GU T . 22.30 -27.51 2.53
C5 6GU T . 22.80 -26.21 2.81
C6 6GU T . 23.73 -25.74 1.91
N7 6GU T . 22.22 -25.74 3.99
C8 6GU T . 21.39 -26.77 4.39
N9 6GU T . 21.40 -27.84 3.55
C1 PEG U . 14.36 -20.29 7.14
O1 PEG U . 13.05 -19.85 7.43
C2 PEG U . 15.17 -20.65 8.35
O2 PEG U . 16.53 -20.79 7.97
C3 PEG U . 17.47 -20.30 8.93
C4 PEG U . 18.88 -20.54 8.45
O4 PEG U . 19.23 -21.92 8.41
C1 PEG V . 7.81 -45.21 3.44
O1 PEG V . 8.95 -46.05 3.57
C2 PEG V . 7.66 -44.67 2.07
O2 PEG V . 6.47 -43.92 1.97
C3 PEG V . 5.75 -44.14 0.76
C4 PEG V . 4.58 -43.23 0.67
O4 PEG V . 3.90 -43.37 -0.56
C1 EDO W . 22.33 -21.59 10.35
O1 EDO W . 21.80 -20.30 10.10
C2 EDO W . 23.56 -21.79 9.46
O2 EDO W . 24.45 -20.73 9.74
C1 EDO X . 9.53 -14.11 3.17
O1 EDO X . 9.49 -13.34 1.99
C2 EDO X . 8.75 -13.38 4.26
O2 EDO X . 9.54 -12.31 4.79
S SO4 Y . 17.68 -25.02 5.63
O1 SO4 Y . 18.64 -24.27 4.82
O2 SO4 Y . 18.35 -25.43 6.87
O3 SO4 Y . 17.23 -26.23 4.92
O4 SO4 Y . 16.50 -24.20 5.96
S SO4 Z . 20.18 -18.90 13.31
O1 SO4 Z . 20.44 -18.80 11.88
O2 SO4 Z . 21.11 -19.88 13.88
O3 SO4 Z . 20.38 -17.59 13.95
O4 SO4 Z . 18.80 -19.34 13.52
#